data_6NAS
#
_entry.id   6NAS
#
_cell.length_a   103.830
_cell.length_b   114.890
_cell.length_c   132.271
_cell.angle_alpha   90.000
_cell.angle_beta   90.000
_cell.angle_gamma   90.000
#
_symmetry.space_group_name_H-M   'C 2 2 21'
#
loop_
_entity.id
_entity.type
_entity.pdbx_description
1 polymer 'Actin, alpha skeletal muscle'
2 polymer 'N-alpha-acetyltransferase 80'
3 polymer Profilin-1
4 non-polymer 'CALCIUM ION'
5 non-polymer "ADENOSINE-5'-TRIPHOSPHATE"
6 non-polymer 'LATRUNCULIN B'
7 non-polymer GLYCEROL
8 non-polymer 'ACETYL COENZYME *A'
9 non-polymer '2-(N-MORPHOLINO)-ETHANESULFONIC ACID'
10 water water
#
loop_
_entity_poly.entity_id
_entity_poly.type
_entity_poly.pdbx_seq_one_letter_code
_entity_poly.pdbx_strand_id
1 'polypeptide(L)'
;(KKD)EDETTALVCDNGSGLVKAGFAGDDAPRAVFPSIVGRPRHQGVMVGMGQKDSYVGDEAQSKRGILTLKYPIE
(HIC)GIITNWDDMEKIWHHTFYNELRVAPEEHPTLLTEAPLNPKANREKMTQIMFETFNVPAMYVAIQAVLSLYASGRT
TGIVLDSGDGVTHNVPIYEGYALPHAIMRLDLAGRDLTDYLMKILTERGYSFVTTAEREIVRDIKEKLCYVALDFENEMA
TAASSSSLEKSYELPDGQVITIGNERFRCPETLFQPSFIGMESAGIHETTYNSIMKCDIDIRKDLYANNVMSGGTTMYPG
IADRMQKEITALAPSTMKIKIIAPPERKYSVWIGGSILASLSTFQQMWITKQEYDEAGPSIVHRKCF
;
A
2 'polypeptide(L)'
;AGHMSLAELTLEPVHRRPELLDACADLINDQWPRSRTSRLHSLGQSSDAFPLCLMLLSPHPTLEAAPVVVGHARLSRVLN
QPQSLLVETVVVARALRGRGFGRRLMEGLEVFARARGFRKLHLTTHDQVHFYTHLGYQLGEPVQGLVFTSRRLPATLLNA
FPTAPSPRPPRKAPNLTAQAAPRGPKGPPLPPPPPLPECLTISPPVPSGPPSKSLLETQYQNVRGRPIFWMEKDI
;
N
3 'polypeptide(L)'
;MAGWNAYIDNLMADGTCQDAAIVGYKDSPSVWAAVPGKTFVNITPAEVGVLVGKDRSSFYVNGLTLGGQKCSVIRDSLLQ
DGEFSMDLRTKSTGGAPTFNVTVTKTDKTLVLLMGKEGVHGGLINKKCYEMASHLRRSQY
;
P
#
# COMPACT_ATOMS: atom_id res chain seq x y z
N GLU A 2 5.88 -18.22 -17.70
CA GLU A 2 5.22 -16.90 -17.81
C GLU A 2 5.55 -16.04 -16.60
N ASP A 3 5.77 -14.74 -16.86
CA ASP A 3 5.96 -13.80 -15.77
C ASP A 3 4.66 -13.65 -14.98
N GLU A 4 4.80 -13.24 -13.72
CA GLU A 4 3.65 -13.04 -12.85
C GLU A 4 3.02 -11.69 -13.11
N THR A 5 1.70 -11.63 -13.00
CA THR A 5 0.98 -10.38 -13.24
C THR A 5 1.43 -9.29 -12.27
N THR A 6 1.37 -8.05 -12.74
CA THR A 6 1.61 -6.91 -11.86
C THR A 6 0.44 -6.71 -10.91
N ALA A 7 0.74 -6.30 -9.68
CA ALA A 7 -0.30 -6.11 -8.69
C ALA A 7 -1.14 -4.89 -9.01
N LEU A 8 -2.43 -4.97 -8.67
CA LEU A 8 -3.32 -3.82 -8.73
C LEU A 8 -3.23 -3.03 -7.42
N VAL A 9 -3.54 -1.73 -7.52
CA VAL A 9 -3.58 -0.83 -6.37
C VAL A 9 -4.88 -0.06 -6.44
N CYS A 10 -5.72 -0.20 -5.42
CA CYS A 10 -7.04 0.43 -5.38
C CYS A 10 -7.19 1.20 -4.08
N ASP A 11 -7.21 2.53 -4.19
CA ASP A 11 -7.38 3.43 -3.04
C ASP A 11 -8.83 3.89 -2.98
N ASN A 12 -9.58 3.36 -2.01
CA ASN A 12 -11.02 3.62 -1.91
C ASN A 12 -11.25 4.82 -0.99
N GLY A 13 -11.67 5.93 -1.58
CA GLY A 13 -11.98 7.13 -0.82
C GLY A 13 -13.49 7.33 -0.67
N SER A 14 -13.84 8.25 0.23
CA SER A 14 -15.25 8.58 0.42
C SER A 14 -15.84 9.23 -0.82
N GLY A 15 -15.02 9.93 -1.61
CA GLY A 15 -15.50 10.59 -2.80
C GLY A 15 -14.95 10.03 -4.09
N LEU A 16 -13.70 9.59 -4.09
CA LEU A 16 -13.02 9.15 -5.30
C LEU A 16 -12.30 7.84 -5.09
N VAL A 17 -12.46 6.93 -6.06
CA VAL A 17 -11.60 5.76 -6.18
C VAL A 17 -10.44 6.10 -7.09
N LYS A 18 -9.24 5.66 -6.71
CA LYS A 18 -8.05 5.77 -7.55
C LYS A 18 -7.50 4.36 -7.72
N ALA A 19 -7.45 3.89 -8.97
CA ALA A 19 -7.02 2.52 -9.25
C ALA A 19 -5.98 2.52 -10.34
N GLY A 20 -5.02 1.61 -10.22
CA GLY A 20 -3.99 1.48 -11.23
C GLY A 20 -3.12 0.27 -10.97
N PHE A 21 -1.92 0.30 -11.52
CA PHE A 21 -1.00 -0.83 -11.49
C PHE A 21 0.22 -0.50 -10.64
N ALA A 22 0.58 -1.43 -9.75
CA ALA A 22 1.75 -1.22 -8.89
C ALA A 22 2.98 -0.99 -9.74
N GLY A 23 3.68 0.11 -9.45
CA GLY A 23 4.88 0.50 -10.17
C GLY A 23 4.70 1.74 -11.03
N ASP A 24 3.50 1.94 -11.57
CA ASP A 24 3.23 3.18 -12.28
C ASP A 24 3.34 4.36 -11.31
N ASP A 25 3.50 5.55 -11.86
CA ASP A 25 3.64 6.75 -11.07
C ASP A 25 2.34 7.55 -10.97
N ALA A 26 1.24 7.02 -11.51
CA ALA A 26 -0.06 7.68 -11.41
C ALA A 26 -1.15 6.68 -11.74
N PRO A 27 -2.30 6.73 -11.07
CA PRO A 27 -3.36 5.75 -11.37
C PRO A 27 -3.84 5.91 -12.80
N ARG A 28 -4.26 4.79 -13.40
CA ARG A 28 -4.85 4.86 -14.72
C ARG A 28 -6.29 5.34 -14.66
N ALA A 29 -6.97 5.18 -13.54
CA ALA A 29 -8.38 5.53 -13.43
C ALA A 29 -8.67 6.21 -12.10
N VAL A 30 -9.39 7.33 -12.16
CA VAL A 30 -9.86 8.05 -10.97
C VAL A 30 -11.31 8.42 -11.24
N PHE A 31 -12.23 7.86 -10.48
CA PHE A 31 -13.65 7.98 -10.75
C PHE A 31 -14.43 8.10 -9.45
N PRO A 32 -15.63 8.68 -9.49
CA PRO A 32 -16.35 8.93 -8.24
C PRO A 32 -16.85 7.64 -7.59
N SER A 33 -16.79 7.62 -6.26
CA SER A 33 -17.23 6.49 -5.46
C SER A 33 -18.71 6.66 -5.12
N ILE A 34 -19.56 6.38 -6.11
CA ILE A 34 -21.00 6.56 -5.98
C ILE A 34 -21.73 5.43 -6.69
N VAL A 35 -22.95 5.17 -6.23
CA VAL A 35 -23.91 4.36 -6.96
C VAL A 35 -25.22 5.14 -7.01
N GLY A 36 -25.75 5.35 -8.21
CA GLY A 36 -26.96 6.10 -8.40
C GLY A 36 -28.14 5.19 -8.67
N ARG A 37 -29.33 5.67 -8.30
CA ARG A 37 -30.57 4.92 -8.53
C ARG A 37 -31.65 5.88 -9.01
N PRO A 38 -32.61 5.38 -9.79
CA PRO A 38 -33.63 6.28 -10.35
C PRO A 38 -34.38 7.01 -9.25
N ARG A 39 -34.59 8.34 -9.42
CA ARG A 39 -35.31 9.18 -8.43
C ARG A 39 -36.74 8.65 -8.30
N HIS A 40 -37.48 8.60 -9.41
CA HIS A 40 -38.88 8.12 -9.46
C HIS A 40 -39.05 7.07 -10.57
N GLN A 41 -38.91 7.45 -11.84
CA GLN A 41 -39.05 6.59 -13.05
C GLN A 41 -38.06 7.05 -14.11
N MET A 47 -38.65 -0.04 -17.58
CA MET A 47 -37.51 -0.59 -16.85
C MET A 47 -36.50 0.51 -16.49
N GLY A 48 -36.40 1.52 -17.35
CA GLY A 48 -35.37 2.52 -17.23
C GLY A 48 -34.14 2.11 -17.99
N GLN A 49 -33.42 1.12 -17.45
CA GLN A 49 -32.32 0.45 -18.12
C GLN A 49 -31.69 -0.56 -17.16
N LYS A 50 -31.41 -0.11 -15.93
CA LYS A 50 -30.77 -0.95 -14.93
C LYS A 50 -31.28 -0.59 -13.54
N ASP A 51 -31.17 -1.57 -12.64
CA ASP A 51 -31.55 -1.34 -11.24
C ASP A 51 -30.68 -0.29 -10.58
N SER A 52 -29.43 -0.14 -11.04
CA SER A 52 -28.50 0.78 -10.41
C SER A 52 -27.49 1.26 -11.44
N TYR A 53 -26.81 2.36 -11.11
CA TYR A 53 -25.78 2.95 -11.96
C TYR A 53 -24.56 3.22 -11.09
N VAL A 54 -23.37 3.03 -11.67
CA VAL A 54 -22.14 2.94 -10.89
C VAL A 54 -21.11 3.91 -11.42
N GLY A 55 -20.37 4.53 -10.51
CA GLY A 55 -19.22 5.36 -10.83
C GLY A 55 -19.40 6.34 -11.97
N ASP A 56 -18.53 6.23 -12.98
CA ASP A 56 -18.59 7.15 -14.12
C ASP A 56 -19.97 7.18 -14.75
N GLU A 57 -20.69 6.07 -14.72
CA GLU A 57 -22.01 6.00 -15.32
C GLU A 57 -23.03 6.79 -14.49
N ALA A 58 -23.01 6.60 -13.18
CA ALA A 58 -23.88 7.39 -12.31
C ALA A 58 -23.59 8.88 -12.45
N GLN A 59 -22.31 9.23 -12.60
CA GLN A 59 -21.95 10.63 -12.80
C GLN A 59 -22.62 11.20 -14.05
N SER A 60 -22.51 10.49 -15.17
CA SER A 60 -23.06 11.01 -16.41
C SER A 60 -24.57 11.11 -16.37
N LYS A 61 -25.24 10.30 -15.54
CA LYS A 61 -26.69 10.29 -15.46
C LYS A 61 -27.19 10.95 -14.18
N ARG A 62 -26.35 11.67 -13.45
CA ARG A 62 -26.74 12.20 -12.14
C ARG A 62 -27.99 13.09 -12.22
N GLY A 63 -28.45 13.45 -13.42
CA GLY A 63 -29.66 14.26 -13.52
C GLY A 63 -30.92 13.50 -13.17
N ILE A 64 -30.98 12.21 -13.47
CA ILE A 64 -32.15 11.40 -13.21
C ILE A 64 -31.93 10.47 -12.02
N LEU A 65 -30.93 10.74 -11.19
CA LEU A 65 -30.52 9.79 -10.18
C LEU A 65 -30.40 10.42 -8.80
N THR A 66 -30.55 9.56 -7.79
CA THR A 66 -30.12 9.83 -6.43
C THR A 66 -28.79 9.12 -6.19
N LEU A 67 -27.84 9.82 -5.57
CA LEU A 67 -26.50 9.28 -5.38
C LEU A 67 -26.32 8.75 -3.96
N LYS A 68 -25.70 7.58 -3.86
CA LYS A 68 -25.27 7.01 -2.58
C LYS A 68 -23.76 6.91 -2.57
N TYR A 69 -23.16 7.25 -1.42
CA TYR A 69 -21.73 7.09 -1.20
C TYR A 69 -21.52 5.86 -0.33
N PRO A 70 -21.09 4.72 -0.89
CA PRO A 70 -20.91 3.53 -0.03
C PRO A 70 -19.85 3.73 1.04
N ILE A 71 -18.96 4.70 0.90
CA ILE A 71 -17.94 4.99 1.91
C ILE A 71 -18.30 6.31 2.57
N GLU A 72 -18.49 6.27 3.89
CA GLU A 72 -18.79 7.47 4.66
C GLU A 72 -17.67 7.71 5.67
N GLY A 74 -14.59 7.73 5.24
CA GLY A 74 -13.51 6.78 5.03
C GLY A 74 -13.83 5.34 5.41
N ILE A 75 -15.00 5.14 6.00
CA ILE A 75 -15.45 3.82 6.41
C ILE A 75 -16.51 3.32 5.43
N ILE A 76 -16.38 2.07 5.00
CA ILE A 76 -17.41 1.46 4.16
C ILE A 76 -18.62 1.13 5.02
N THR A 77 -19.80 1.61 4.60
CA THR A 77 -21.04 1.39 5.34
C THR A 77 -22.09 0.64 4.54
N ASN A 78 -22.07 0.68 3.21
CA ASN A 78 -22.99 -0.05 2.36
C ASN A 78 -22.17 -1.07 1.58
N TRP A 79 -22.25 -2.34 1.98
CA TRP A 79 -21.38 -3.36 1.42
C TRP A 79 -21.84 -3.85 0.06
N ASP A 80 -23.15 -3.91 -0.19
CA ASP A 80 -23.61 -4.31 -1.51
C ASP A 80 -23.23 -3.29 -2.57
N ASP A 81 -23.36 -2.00 -2.26
CA ASP A 81 -22.97 -0.97 -3.20
C ASP A 81 -21.45 -0.88 -3.31
N MET A 82 -20.73 -1.11 -2.21
CA MET A 82 -19.27 -1.12 -2.29
C MET A 82 -18.79 -2.27 -3.18
N GLU A 83 -19.43 -3.43 -3.05
CA GLU A 83 -19.17 -4.54 -3.96
C GLU A 83 -19.37 -4.10 -5.40
N LYS A 84 -20.44 -3.35 -5.67
CA LYS A 84 -20.67 -2.83 -7.02
C LYS A 84 -19.55 -1.91 -7.46
N ILE A 85 -18.98 -1.14 -6.53
CA ILE A 85 -17.89 -0.24 -6.89
C ILE A 85 -16.65 -1.03 -7.30
N TRP A 86 -16.29 -2.03 -6.50
CA TRP A 86 -15.12 -2.85 -6.82
C TRP A 86 -15.29 -3.55 -8.17
N HIS A 87 -16.47 -4.11 -8.41
CA HIS A 87 -16.74 -4.71 -9.71
C HIS A 87 -16.50 -3.71 -10.84
N HIS A 88 -17.01 -2.48 -10.66
CA HIS A 88 -16.81 -1.44 -11.66
C HIS A 88 -15.33 -1.13 -11.84
N THR A 89 -14.59 -1.03 -10.75
CA THR A 89 -13.16 -0.77 -10.83
C THR A 89 -12.47 -1.81 -11.71
N PHE A 90 -12.68 -3.08 -11.40
CA PHE A 90 -11.96 -4.15 -12.09
C PHE A 90 -12.35 -4.23 -13.56
N TYR A 91 -13.64 -4.40 -13.83
CA TYR A 91 -14.09 -4.77 -15.16
C TYR A 91 -14.37 -3.58 -16.06
N ASN A 92 -14.87 -2.48 -15.51
CA ASN A 92 -15.24 -1.33 -16.32
C ASN A 92 -14.15 -0.27 -16.41
N GLU A 93 -13.49 0.05 -15.30
CA GLU A 93 -12.51 1.14 -15.28
C GLU A 93 -11.11 0.65 -15.64
N LEU A 94 -10.64 -0.40 -14.97
CA LEU A 94 -9.32 -0.95 -15.28
C LEU A 94 -9.36 -1.95 -16.44
N ARG A 95 -10.47 -2.66 -16.60
CA ARG A 95 -10.60 -3.69 -17.64
C ARG A 95 -9.56 -4.78 -17.43
N VAL A 96 -9.54 -5.34 -16.23
CA VAL A 96 -8.67 -6.46 -15.87
C VAL A 96 -9.52 -7.56 -15.27
N ALA A 97 -8.96 -8.75 -15.21
CA ALA A 97 -9.58 -9.88 -14.52
C ALA A 97 -9.10 -9.90 -13.08
N PRO A 98 -9.96 -9.65 -12.09
CA PRO A 98 -9.46 -9.59 -10.70
C PRO A 98 -8.81 -10.88 -10.25
N GLU A 99 -9.21 -12.03 -10.78
CA GLU A 99 -8.62 -13.29 -10.36
C GLU A 99 -7.18 -13.46 -10.80
N GLU A 100 -6.69 -12.58 -11.68
CA GLU A 100 -5.34 -12.70 -12.23
C GLU A 100 -4.31 -11.84 -11.52
N HIS A 101 -4.74 -10.93 -10.63
CA HIS A 101 -3.84 -9.92 -10.08
C HIS A 101 -3.84 -9.93 -8.57
N PRO A 102 -2.67 -9.95 -7.93
CA PRO A 102 -2.59 -9.54 -6.52
C PRO A 102 -3.13 -8.12 -6.37
N THR A 103 -4.00 -7.92 -5.39
CA THR A 103 -4.74 -6.67 -5.25
C THR A 103 -4.39 -6.03 -3.91
N LEU A 104 -3.90 -4.79 -3.97
CA LEU A 104 -3.58 -4.01 -2.77
C LEU A 104 -4.69 -3.00 -2.55
N LEU A 105 -5.42 -3.16 -1.45
CA LEU A 105 -6.46 -2.22 -1.05
C LEU A 105 -5.94 -1.29 0.03
N THR A 106 -6.59 -0.13 0.15
CA THR A 106 -6.31 0.84 1.19
C THR A 106 -7.49 0.92 2.13
N GLU A 107 -7.21 1.25 3.39
CA GLU A 107 -8.24 1.39 4.40
C GLU A 107 -8.03 2.68 5.18
N ALA A 108 -9.09 3.14 5.83
CA ALA A 108 -9.00 4.35 6.63
C ALA A 108 -8.37 4.05 7.99
N PRO A 109 -7.68 5.01 8.58
CA PRO A 109 -7.12 4.78 9.92
C PRO A 109 -8.23 4.40 10.90
N LEU A 110 -7.93 3.42 11.74
CA LEU A 110 -8.88 2.88 12.72
C LEU A 110 -10.07 2.18 12.06
N ASN A 111 -9.91 1.71 10.83
CA ASN A 111 -10.93 0.89 10.21
C ASN A 111 -11.39 -0.20 11.18
N PRO A 112 -12.69 -0.30 11.46
CA PRO A 112 -13.15 -1.34 12.39
C PRO A 112 -12.72 -2.73 11.96
N LYS A 113 -12.50 -3.61 12.95
CA LYS A 113 -12.04 -4.96 12.69
C LYS A 113 -12.95 -5.69 11.72
N ALA A 114 -14.26 -5.70 12.01
CA ALA A 114 -15.19 -6.45 11.17
C ALA A 114 -15.16 -5.97 9.73
N ASN A 115 -14.86 -4.68 9.52
CA ASN A 115 -14.84 -4.15 8.16
C ASN A 115 -13.70 -4.77 7.35
N ARG A 116 -12.48 -4.76 7.88
CA ARG A 116 -11.36 -5.32 7.12
C ARG A 116 -11.46 -6.83 7.00
N GLU A 117 -12.15 -7.49 7.94
CA GLU A 117 -12.44 -8.91 7.75
C GLU A 117 -13.37 -9.12 6.56
N LYS A 118 -14.43 -8.32 6.46
CA LYS A 118 -15.34 -8.46 5.34
C LYS A 118 -14.67 -8.05 4.03
N MET A 119 -13.78 -7.06 4.08
CA MET A 119 -13.01 -6.70 2.89
C MET A 119 -12.24 -7.90 2.37
N THR A 120 -11.47 -8.55 3.24
CA THR A 120 -10.72 -9.74 2.85
C THR A 120 -11.65 -10.83 2.33
N GLN A 121 -12.77 -11.04 3.02
CA GLN A 121 -13.70 -12.09 2.63
C GLN A 121 -14.22 -11.85 1.22
N ILE A 122 -14.66 -10.62 0.93
CA ILE A 122 -15.27 -10.33 -0.35
C ILE A 122 -14.23 -10.47 -1.47
N MET A 123 -13.05 -9.91 -1.26
CA MET A 123 -12.01 -9.98 -2.30
C MET A 123 -11.67 -11.41 -2.65
N PHE A 124 -11.58 -12.29 -1.65
CA PHE A 124 -11.16 -13.66 -1.91
C PHE A 124 -12.31 -14.52 -2.42
N GLU A 125 -13.50 -14.37 -1.83
CA GLU A 125 -14.61 -15.28 -2.14
C GLU A 125 -15.48 -14.79 -3.28
N THR A 126 -15.64 -13.48 -3.45
CA THR A 126 -16.46 -12.95 -4.54
C THR A 126 -15.64 -12.66 -5.79
N PHE A 127 -14.46 -12.05 -5.64
CA PHE A 127 -13.63 -11.68 -6.78
C PHE A 127 -12.47 -12.63 -7.03
N ASN A 128 -12.28 -13.63 -6.17
CA ASN A 128 -11.32 -14.70 -6.41
C ASN A 128 -9.92 -14.18 -6.72
N VAL A 129 -9.47 -13.18 -5.96
CA VAL A 129 -8.12 -12.67 -6.13
C VAL A 129 -7.13 -13.78 -5.73
N PRO A 130 -5.94 -13.82 -6.31
CA PRO A 130 -4.94 -14.81 -5.88
C PRO A 130 -4.27 -14.44 -4.57
N ALA A 131 -4.19 -13.13 -4.31
CA ALA A 131 -3.51 -12.61 -3.11
C ALA A 131 -3.90 -11.16 -2.96
N MET A 132 -3.75 -10.65 -1.74
CA MET A 132 -4.10 -9.25 -1.48
C MET A 132 -3.39 -8.75 -0.24
N TYR A 133 -3.47 -7.43 -0.05
CA TYR A 133 -2.95 -6.76 1.14
C TYR A 133 -3.86 -5.56 1.42
N VAL A 134 -3.82 -5.08 2.66
CA VAL A 134 -4.61 -3.91 3.05
C VAL A 134 -3.70 -2.98 3.84
N ALA A 135 -3.55 -1.74 3.34
CA ALA A 135 -2.63 -0.77 3.91
C ALA A 135 -3.37 0.49 4.33
N ILE A 136 -2.83 1.15 5.36
CA ILE A 136 -3.41 2.40 5.84
C ILE A 136 -3.09 3.52 4.86
N GLN A 137 -4.10 4.31 4.52
CA GLN A 137 -3.92 5.36 3.52
C GLN A 137 -2.80 6.33 3.92
N ALA A 138 -2.79 6.76 5.18
CA ALA A 138 -1.81 7.75 5.61
C ALA A 138 -0.39 7.20 5.51
N VAL A 139 -0.22 5.91 5.81
CA VAL A 139 1.11 5.30 5.71
C VAL A 139 1.61 5.35 4.28
N LEU A 140 0.74 5.01 3.32
CA LEU A 140 1.12 5.09 1.92
C LEU A 140 1.53 6.52 1.55
N SER A 141 0.80 7.52 2.06
CA SER A 141 1.17 8.90 1.76
C SER A 141 2.59 9.22 2.23
N LEU A 142 2.95 8.71 3.41
CA LEU A 142 4.30 8.93 3.93
C LEU A 142 5.34 8.27 3.02
N TYR A 143 5.12 7.01 2.66
CA TYR A 143 6.00 6.35 1.71
C TYR A 143 6.18 7.21 0.45
N ALA A 144 5.08 7.80 -0.04
CA ALA A 144 5.15 8.60 -1.25
C ALA A 144 6.05 9.82 -1.05
N SER A 145 6.08 10.39 0.15
CA SER A 145 6.93 11.52 0.45
C SER A 145 8.40 11.12 0.63
N GLY A 146 8.73 9.85 0.41
CA GLY A 146 10.08 9.38 0.60
C GLY A 146 10.48 9.31 2.06
N ARG A 147 9.61 8.74 2.89
CA ARG A 147 9.85 8.68 4.33
C ARG A 147 9.18 7.45 4.91
N THR A 148 9.60 7.08 6.11
CA THR A 148 8.98 5.99 6.84
C THR A 148 8.62 6.36 8.27
N THR A 149 8.97 7.56 8.74
CA THR A 149 8.54 8.05 10.03
C THR A 149 8.13 9.51 9.90
N GLY A 150 7.10 9.88 10.64
CA GLY A 150 6.53 11.21 10.56
C GLY A 150 5.04 11.14 10.88
N ILE A 151 4.42 12.31 10.88
CA ILE A 151 2.98 12.42 11.12
C ILE A 151 2.32 12.96 9.85
N VAL A 152 1.26 12.29 9.42
CA VAL A 152 0.56 12.62 8.19
C VAL A 152 -0.75 13.31 8.54
N LEU A 153 -1.12 14.29 7.72
CA LEU A 153 -2.42 14.95 7.81
C LEU A 153 -3.18 14.58 6.54
N ASP A 154 -4.09 13.62 6.66
CA ASP A 154 -4.85 13.11 5.52
C ASP A 154 -6.25 13.69 5.59
N SER A 155 -6.52 14.71 4.78
CA SER A 155 -7.84 15.32 4.70
C SER A 155 -8.35 15.15 3.28
N GLY A 156 -9.41 14.37 3.12
CA GLY A 156 -10.00 14.14 1.81
C GLY A 156 -11.35 14.80 1.67
N ASP A 157 -12.36 14.01 1.32
CA ASP A 157 -13.71 14.50 1.12
C ASP A 157 -14.64 14.21 2.28
N GLY A 158 -14.36 13.14 3.02
CA GLY A 158 -15.25 12.74 4.08
C GLY A 158 -14.64 12.72 5.47
N VAL A 159 -13.32 12.69 5.58
CA VAL A 159 -12.69 12.54 6.89
C VAL A 159 -11.30 13.15 6.88
N THR A 160 -10.86 13.61 8.04
CA THR A 160 -9.53 14.16 8.25
C THR A 160 -8.88 13.42 9.40
N HIS A 161 -7.65 12.94 9.19
CA HIS A 161 -6.93 12.16 10.19
C HIS A 161 -5.55 12.72 10.43
N ASN A 162 -5.13 12.68 11.69
CA ASN A 162 -3.71 12.81 12.06
C ASN A 162 -3.18 11.42 12.34
N VAL A 163 -2.21 10.97 11.55
CA VAL A 163 -1.68 9.62 11.69
C VAL A 163 -0.18 9.68 11.93
N PRO A 164 0.30 9.42 13.15
CA PRO A 164 1.74 9.34 13.37
C PRO A 164 2.27 7.95 13.07
N ILE A 165 3.41 7.91 12.40
CA ILE A 165 3.94 6.69 11.80
C ILE A 165 5.40 6.53 12.22
N TYR A 166 5.75 5.35 12.71
CA TYR A 166 7.11 5.03 13.09
C TYR A 166 7.59 3.85 12.26
N GLU A 167 8.61 4.09 11.42
CA GLU A 167 9.22 3.06 10.60
C GLU A 167 8.17 2.31 9.76
N GLY A 168 7.22 3.07 9.22
CA GLY A 168 6.23 2.53 8.34
C GLY A 168 5.06 1.83 9.01
N TYR A 169 4.92 1.98 10.33
CA TYR A 169 3.84 1.35 11.08
C TYR A 169 3.04 2.43 11.79
N ALA A 170 1.78 2.59 11.39
CA ALA A 170 0.92 3.56 12.04
C ALA A 170 0.76 3.24 13.51
N LEU A 171 0.68 4.28 14.34
CA LEU A 171 0.51 4.13 15.78
C LEU A 171 -0.94 4.42 16.13
N PRO A 172 -1.81 3.41 16.14
CA PRO A 172 -3.25 3.68 16.30
C PRO A 172 -3.58 4.48 17.55
N HIS A 173 -2.89 4.24 18.67
CA HIS A 173 -3.28 4.87 19.92
C HIS A 173 -3.19 6.39 19.85
N ALA A 174 -2.47 6.94 18.87
CA ALA A 174 -2.32 8.38 18.73
C ALA A 174 -3.01 8.93 17.48
N ILE A 175 -3.72 8.09 16.73
CA ILE A 175 -4.46 8.58 15.57
C ILE A 175 -5.60 9.47 16.05
N MET A 176 -5.83 10.56 15.34
CA MET A 176 -6.87 11.54 15.68
C MET A 176 -7.78 11.70 14.48
N ARG A 177 -9.08 11.55 14.69
CA ARG A 177 -10.07 11.61 13.62
C ARG A 177 -10.93 12.87 13.74
N LEU A 178 -11.31 13.42 12.59
CA LEU A 178 -12.05 14.68 12.52
C LEU A 178 -13.03 14.55 11.36
N ASP A 179 -14.32 14.54 11.68
CA ASP A 179 -15.36 14.35 10.67
C ASP A 179 -15.62 15.63 9.89
N LEU A 180 -14.57 16.21 9.33
CA LEU A 180 -14.65 17.46 8.58
C LEU A 180 -13.69 17.36 7.41
N ALA A 181 -14.19 17.59 6.20
CA ALA A 181 -13.32 17.45 5.03
C ALA A 181 -13.91 18.25 3.88
N GLY A 182 -13.45 17.96 2.66
CA GLY A 182 -13.82 18.78 1.52
C GLY A 182 -15.30 18.97 1.35
N ARG A 183 -16.07 17.88 1.45
CA ARG A 183 -17.51 17.98 1.20
C ARG A 183 -18.16 18.95 2.18
N ASP A 184 -17.74 18.92 3.45
CA ASP A 184 -18.28 19.87 4.41
C ASP A 184 -17.89 21.30 4.05
N LEU A 185 -16.66 21.50 3.58
CA LEU A 185 -16.25 22.85 3.17
C LEU A 185 -17.08 23.33 1.99
N THR A 186 -17.33 22.46 1.01
CA THR A 186 -18.22 22.81 -0.10
C THR A 186 -19.58 23.25 0.42
N ASP A 187 -20.18 22.44 1.29
CA ASP A 187 -21.46 22.82 1.89
C ASP A 187 -21.36 24.18 2.57
N TYR A 188 -20.27 24.42 3.30
CA TYR A 188 -20.12 25.70 3.99
C TYR A 188 -20.01 26.86 3.02
N LEU A 189 -19.30 26.67 1.91
CA LEU A 189 -19.18 27.75 0.93
C LEU A 189 -20.52 28.03 0.26
N MET A 190 -21.27 26.99 -0.08
CA MET A 190 -22.63 27.19 -0.56
C MET A 190 -23.40 28.08 0.40
N LYS A 191 -23.31 27.76 1.70
CA LYS A 191 -24.10 28.45 2.71
C LYS A 191 -23.77 29.94 2.74
N ILE A 192 -22.49 30.29 2.80
CA ILE A 192 -22.14 31.69 2.95
C ILE A 192 -22.25 32.43 1.61
N LEU A 193 -22.05 31.75 0.49
CA LEU A 193 -22.35 32.35 -0.80
C LEU A 193 -23.83 32.70 -0.90
N THR A 194 -24.70 31.81 -0.44
CA THR A 194 -26.12 32.10 -0.37
C THR A 194 -26.38 33.28 0.56
N GLU A 195 -25.64 33.36 1.68
CA GLU A 195 -25.71 34.53 2.53
C GLU A 195 -25.18 35.78 1.85
N ARG A 196 -24.52 35.65 0.70
CA ARG A 196 -24.03 36.80 -0.05
C ARG A 196 -25.01 37.28 -1.12
N GLY A 197 -26.17 36.63 -1.23
CA GLY A 197 -27.18 37.01 -2.19
C GLY A 197 -27.41 35.99 -3.30
N TYR A 198 -26.61 34.94 -3.37
CA TYR A 198 -26.75 33.94 -4.41
C TYR A 198 -27.64 32.80 -3.93
N SER A 199 -27.75 31.73 -4.71
CA SER A 199 -28.59 30.59 -4.35
C SER A 199 -27.94 29.32 -4.92
N PHE A 200 -27.12 28.68 -4.08
CA PHE A 200 -26.56 27.36 -4.37
C PHE A 200 -27.17 26.39 -3.35
N VAL A 201 -28.12 25.57 -3.80
CA VAL A 201 -28.89 24.74 -2.88
C VAL A 201 -29.12 23.34 -3.43
N THR A 202 -28.86 23.13 -4.71
CA THR A 202 -29.09 21.83 -5.33
C THR A 202 -27.82 20.99 -5.33
N THR A 203 -27.99 19.70 -5.59
CA THR A 203 -26.83 18.83 -5.74
C THR A 203 -25.98 19.26 -6.93
N ALA A 204 -26.62 19.63 -8.04
CA ALA A 204 -25.86 20.12 -9.19
C ALA A 204 -25.13 21.40 -8.84
N GLU A 205 -25.86 22.39 -8.28
CA GLU A 205 -25.22 23.60 -7.81
C GLU A 205 -24.12 23.29 -6.80
N ARG A 206 -24.23 22.16 -6.09
CA ARG A 206 -23.20 21.78 -5.14
C ARG A 206 -21.90 21.44 -5.86
N GLU A 207 -21.98 20.66 -6.94
CA GLU A 207 -20.80 20.37 -7.73
C GLU A 207 -20.18 21.66 -8.26
N ILE A 208 -21.01 22.61 -8.69
CA ILE A 208 -20.50 23.90 -9.17
C ILE A 208 -19.72 24.60 -8.07
N VAL A 209 -20.27 24.63 -6.85
CA VAL A 209 -19.58 25.28 -5.75
C VAL A 209 -18.30 24.53 -5.40
N ARG A 210 -18.29 23.21 -5.54
CA ARG A 210 -17.05 22.47 -5.31
C ARG A 210 -15.95 22.96 -6.24
N ASP A 211 -16.28 23.21 -7.51
CA ASP A 211 -15.29 23.74 -8.44
C ASP A 211 -14.86 25.14 -8.02
N ILE A 212 -15.81 25.97 -7.59
CA ILE A 212 -15.47 27.30 -7.08
C ILE A 212 -14.49 27.18 -5.93
N LYS A 213 -14.76 26.28 -5.01
CA LYS A 213 -13.88 26.10 -3.84
C LYS A 213 -12.49 25.66 -4.27
N GLU A 214 -12.40 24.71 -5.20
CA GLU A 214 -11.10 24.17 -5.58
C GLU A 214 -10.27 25.17 -6.38
N LYS A 215 -10.92 26.09 -7.09
CA LYS A 215 -10.22 26.98 -8.00
C LYS A 215 -9.99 28.38 -7.44
N LEU A 216 -10.60 28.74 -6.31
CA LEU A 216 -10.45 30.10 -5.81
C LEU A 216 -10.25 30.22 -4.31
N CYS A 217 -10.37 29.16 -3.53
CA CYS A 217 -10.18 29.27 -2.10
C CYS A 217 -8.70 29.16 -1.73
N TYR A 218 -8.36 29.72 -0.57
CA TYR A 218 -7.00 29.64 -0.05
C TYR A 218 -7.08 29.83 1.46
N VAL A 219 -6.00 29.46 2.14
CA VAL A 219 -5.91 29.60 3.59
C VAL A 219 -5.17 30.89 3.90
N ALA A 220 -5.82 31.76 4.67
CA ALA A 220 -5.16 32.98 5.13
C ALA A 220 -4.11 32.64 6.16
N LEU A 221 -2.98 33.38 6.12
CA LEU A 221 -1.95 33.18 7.12
C LEU A 221 -2.32 33.84 8.43
N ASP A 222 -2.92 35.03 8.37
CA ASP A 222 -3.51 35.70 9.53
C ASP A 222 -4.98 35.96 9.19
N PHE A 223 -5.87 35.18 9.78
CA PHE A 223 -7.28 35.22 9.39
C PHE A 223 -7.90 36.59 9.68
N GLU A 224 -7.70 37.08 10.92
CA GLU A 224 -8.33 38.34 11.31
C GLU A 224 -7.76 39.51 10.52
N ASN A 225 -6.50 39.41 10.08
CA ASN A 225 -5.91 40.45 9.24
C ASN A 225 -6.41 40.37 7.80
N GLU A 226 -6.64 39.15 7.30
CA GLU A 226 -7.21 39.01 5.96
C GLU A 226 -8.66 39.50 5.93
N MET A 227 -9.43 39.24 6.98
CA MET A 227 -10.79 39.77 7.06
C MET A 227 -10.78 41.29 6.97
N ALA A 228 -9.83 41.94 7.64
CA ALA A 228 -9.75 43.39 7.60
C ALA A 228 -9.45 43.87 6.19
N THR A 229 -8.47 43.24 5.53
CA THR A 229 -8.16 43.61 4.15
C THR A 229 -9.38 43.45 3.26
N ALA A 230 -10.15 42.37 3.45
CA ALA A 230 -11.33 42.14 2.62
C ALA A 230 -12.41 43.18 2.88
N ALA A 231 -12.51 43.67 4.12
CA ALA A 231 -13.46 44.72 4.44
C ALA A 231 -12.97 46.10 4.01
N SER A 232 -11.67 46.26 3.79
CA SER A 232 -11.08 47.55 3.47
C SER A 232 -10.95 47.82 1.97
N SER A 233 -11.10 46.80 1.13
CA SER A 233 -10.76 46.95 -0.27
C SER A 233 -11.47 45.86 -1.08
N SER A 234 -11.02 45.64 -2.32
CA SER A 234 -11.57 44.61 -3.20
C SER A 234 -10.47 43.74 -3.80
N SER A 235 -9.26 43.80 -3.26
CA SER A 235 -8.13 43.16 -3.91
C SER A 235 -8.26 41.64 -3.91
N LEU A 236 -8.97 41.08 -2.93
CA LEU A 236 -9.08 39.64 -2.78
C LEU A 236 -10.32 39.07 -3.44
N GLU A 237 -11.17 39.91 -4.01
CA GLU A 237 -12.38 39.44 -4.65
C GLU A 237 -12.06 38.84 -6.02
N LYS A 238 -12.65 37.68 -6.31
CA LYS A 238 -12.48 36.99 -7.58
C LYS A 238 -13.85 36.61 -8.10
N SER A 239 -13.95 36.47 -9.42
CA SER A 239 -15.20 36.10 -10.06
C SER A 239 -15.09 34.69 -10.63
N TYR A 240 -16.26 34.11 -10.90
CA TYR A 240 -16.37 32.74 -11.39
C TYR A 240 -17.53 32.70 -12.38
N GLU A 241 -17.31 32.09 -13.53
CA GLU A 241 -18.32 32.01 -14.58
C GLU A 241 -19.02 30.66 -14.47
N LEU A 242 -20.34 30.69 -14.26
CA LEU A 242 -21.13 29.47 -14.19
C LEU A 242 -21.36 28.93 -15.58
N PRO A 243 -21.82 27.68 -15.69
CA PRO A 243 -21.97 27.07 -17.04
C PRO A 243 -22.98 27.80 -17.92
N ASP A 244 -23.83 28.65 -17.35
CA ASP A 244 -24.86 29.34 -18.12
C ASP A 244 -24.51 30.80 -18.40
N GLY A 245 -23.25 31.18 -18.23
CA GLY A 245 -22.83 32.55 -18.46
C GLY A 245 -23.04 33.49 -17.29
N GLN A 246 -23.88 33.13 -16.33
CA GLN A 246 -23.99 33.91 -15.11
C GLN A 246 -22.62 33.96 -14.43
N VAL A 247 -22.29 35.12 -13.87
CA VAL A 247 -21.00 35.36 -13.23
C VAL A 247 -21.25 35.79 -11.80
N ILE A 248 -20.62 35.11 -10.86
CA ILE A 248 -20.67 35.47 -9.45
C ILE A 248 -19.28 35.98 -9.04
N THR A 249 -19.24 36.67 -7.91
CA THR A 249 -17.99 37.18 -7.36
C THR A 249 -17.91 36.82 -5.89
N ILE A 250 -16.71 36.46 -5.44
CA ILE A 250 -16.48 35.90 -4.12
C ILE A 250 -15.37 36.68 -3.44
N GLY A 251 -15.58 37.05 -2.18
CA GLY A 251 -14.63 37.85 -1.45
C GLY A 251 -13.95 37.13 -0.30
N ASN A 252 -14.24 37.54 0.94
CA ASN A 252 -13.60 36.89 2.08
C ASN A 252 -14.01 35.44 2.22
N GLU A 253 -15.10 35.02 1.56
CA GLU A 253 -15.46 33.61 1.57
C GLU A 253 -14.30 32.74 1.09
N ARG A 254 -13.48 33.26 0.18
CA ARG A 254 -12.36 32.50 -0.35
C ARG A 254 -11.55 31.83 0.76
N PHE A 255 -11.21 32.59 1.81
CA PHE A 255 -10.40 32.07 2.88
C PHE A 255 -11.20 31.77 4.15
N ARG A 256 -12.43 32.25 4.26
CA ARG A 256 -13.27 31.84 5.37
C ARG A 256 -13.56 30.34 5.28
N CYS A 257 -13.75 29.85 4.05
CA CYS A 257 -14.12 28.44 3.87
C CYS A 257 -13.07 27.49 4.41
N PRO A 258 -11.84 27.47 3.90
CA PRO A 258 -10.84 26.55 4.45
C PRO A 258 -10.37 26.91 5.84
N GLU A 259 -10.66 28.14 6.31
CA GLU A 259 -10.40 28.47 7.71
C GLU A 259 -11.13 27.53 8.65
N THR A 260 -12.23 26.93 8.19
CA THR A 260 -12.96 25.97 9.01
C THR A 260 -12.04 24.87 9.51
N LEU A 261 -11.10 24.43 8.67
CA LEU A 261 -10.15 23.40 9.08
C LEU A 261 -9.48 23.76 10.40
N PHE A 262 -9.22 25.05 10.62
CA PHE A 262 -8.59 25.52 11.84
C PHE A 262 -9.60 25.93 12.89
N GLN A 263 -10.84 26.23 12.51
CA GLN A 263 -11.88 26.68 13.43
C GLN A 263 -13.18 25.95 13.10
N PRO A 264 -13.25 24.66 13.44
CA PRO A 264 -14.47 23.88 13.11
C PRO A 264 -15.77 24.52 13.57
N SER A 265 -15.69 25.48 14.50
CA SER A 265 -16.91 26.12 14.98
C SER A 265 -17.64 26.85 13.87
N PHE A 266 -16.96 27.21 12.78
CA PHE A 266 -17.65 27.83 11.65
C PHE A 266 -18.79 26.95 11.17
N ILE A 267 -18.59 25.63 11.13
CA ILE A 267 -19.62 24.71 10.69
C ILE A 267 -20.39 24.12 11.88
N GLY A 268 -20.34 24.79 13.04
CA GLY A 268 -21.08 24.34 14.20
C GLY A 268 -20.48 23.17 14.94
N MET A 269 -19.30 22.70 14.54
CA MET A 269 -18.62 21.67 15.31
C MET A 269 -17.86 22.31 16.47
N GLU A 270 -17.88 21.65 17.61
CA GLU A 270 -17.14 22.09 18.78
C GLU A 270 -16.02 21.08 18.98
N SER A 271 -14.92 21.29 18.25
CA SER A 271 -13.80 20.36 18.27
C SER A 271 -12.54 21.13 17.89
N ALA A 272 -11.39 20.47 18.07
CA ALA A 272 -10.12 21.12 17.81
C ALA A 272 -9.84 21.19 16.31
N GLY A 273 -9.12 22.26 15.91
CA GLY A 273 -8.68 22.38 14.53
C GLY A 273 -7.52 21.45 14.22
N ILE A 274 -7.24 21.32 12.92
CA ILE A 274 -6.27 20.31 12.49
C ILE A 274 -4.89 20.57 13.09
N HIS A 275 -4.57 21.83 13.42
CA HIS A 275 -3.31 22.13 14.07
C HIS A 275 -3.28 21.59 15.48
N GLU A 276 -4.36 21.81 16.24
CA GLU A 276 -4.43 21.28 17.59
C GLU A 276 -4.43 19.76 17.60
N THR A 277 -5.08 19.14 16.61
CA THR A 277 -5.11 17.69 16.54
C THR A 277 -3.72 17.13 16.20
N THR A 278 -3.03 17.75 15.25
CA THR A 278 -1.64 17.40 14.98
C THR A 278 -0.84 17.39 16.27
N TYR A 279 -0.97 18.45 17.07
CA TYR A 279 -0.19 18.57 18.29
C TYR A 279 -0.56 17.48 19.29
N ASN A 280 -1.85 17.25 19.51
CA ASN A 280 -2.27 16.21 20.44
C ASN A 280 -1.78 14.85 19.98
N SER A 281 -1.89 14.56 18.67
CA SER A 281 -1.37 13.31 18.14
C SER A 281 0.10 13.14 18.48
N ILE A 282 0.91 14.16 18.19
CA ILE A 282 2.35 14.08 18.49
C ILE A 282 2.57 13.81 19.98
N MET A 283 1.79 14.46 20.85
CA MET A 283 2.02 14.35 22.28
C MET A 283 1.56 13.01 22.84
N LYS A 284 0.73 12.28 22.11
CA LYS A 284 0.36 10.92 22.51
C LYS A 284 1.38 9.87 22.06
N CYS A 285 2.46 10.30 21.41
CA CYS A 285 3.44 9.39 20.84
C CYS A 285 4.69 9.29 21.72
N ASP A 286 5.44 8.21 21.48
CA ASP A 286 6.72 8.01 22.14
C ASP A 286 7.56 9.27 22.12
N ILE A 287 8.13 9.62 23.28
CA ILE A 287 8.93 10.84 23.38
C ILE A 287 10.08 10.81 22.38
N ASP A 288 10.76 9.67 22.26
CA ASP A 288 11.98 9.60 21.47
C ASP A 288 11.75 9.95 20.01
N ILE A 289 10.52 9.82 19.50
CA ILE A 289 10.25 10.05 18.09
C ILE A 289 9.56 11.39 17.83
N ARG A 290 9.20 12.13 18.87
CA ARG A 290 8.41 13.35 18.67
C ARG A 290 9.13 14.33 17.76
N LYS A 291 10.43 14.53 17.97
CA LYS A 291 11.18 15.47 17.12
C LYS A 291 11.09 15.07 15.66
N ASP A 292 11.22 13.76 15.37
CA ASP A 292 11.06 13.31 13.99
C ASP A 292 9.68 13.60 13.45
N LEU A 293 8.67 13.62 14.32
CA LEU A 293 7.33 13.98 13.88
C LEU A 293 7.26 15.44 13.47
N TYR A 294 7.74 16.34 14.35
CA TYR A 294 7.66 17.77 14.06
C TYR A 294 8.37 18.13 12.76
N ALA A 295 9.42 17.39 12.41
CA ALA A 295 10.21 17.69 11.21
C ALA A 295 9.70 16.95 9.98
N ASN A 296 8.69 16.10 10.12
CA ASN A 296 8.17 15.31 9.00
C ASN A 296 6.65 15.35 9.02
N ASN A 297 6.08 16.56 9.04
CA ASN A 297 4.64 16.76 8.95
C ASN A 297 4.24 16.68 7.49
N VAL A 298 3.58 15.60 7.10
CA VAL A 298 3.27 15.30 5.71
C VAL A 298 1.78 15.52 5.47
N MET A 299 1.46 16.14 4.35
CA MET A 299 0.08 16.44 3.97
C MET A 299 -0.35 15.55 2.82
N SER A 300 -1.55 15.00 2.92
CA SER A 300 -2.13 14.19 1.86
C SER A 300 -3.63 14.47 1.80
N GLY A 301 -4.20 14.19 0.64
CA GLY A 301 -5.62 14.38 0.44
C GLY A 301 -5.91 15.66 -0.32
N GLY A 302 -7.01 15.65 -1.07
CA GLY A 302 -7.37 16.80 -1.87
C GLY A 302 -7.59 18.06 -1.06
N THR A 303 -8.08 17.90 0.17
CA THR A 303 -8.42 19.06 1.00
C THR A 303 -7.21 19.75 1.59
N THR A 304 -6.01 19.20 1.44
CA THR A 304 -4.79 19.88 1.86
C THR A 304 -4.15 20.69 0.73
N MET A 305 -4.81 20.78 -0.42
CA MET A 305 -4.24 21.45 -1.58
C MET A 305 -4.54 22.94 -1.62
N TYR A 306 -5.17 23.49 -0.58
CA TYR A 306 -5.43 24.91 -0.55
C TYR A 306 -4.12 25.68 -0.57
N PRO A 307 -3.96 26.69 -1.44
CA PRO A 307 -2.81 27.58 -1.31
C PRO A 307 -2.76 28.18 0.09
N GLY A 308 -1.58 28.12 0.70
CA GLY A 308 -1.35 28.73 1.99
C GLY A 308 -1.49 27.81 3.19
N ILE A 309 -1.93 26.57 2.99
CA ILE A 309 -2.17 25.70 4.14
C ILE A 309 -0.85 25.31 4.80
N ALA A 310 0.20 25.08 4.01
CA ALA A 310 1.48 24.67 4.58
C ALA A 310 2.06 25.75 5.47
N ASP A 311 2.14 26.97 4.96
CA ASP A 311 2.68 28.08 5.76
C ASP A 311 1.88 28.28 7.04
N ARG A 312 0.55 28.17 6.95
CA ARG A 312 -0.30 28.46 8.10
C ARG A 312 -0.14 27.41 9.18
N MET A 313 -0.04 26.14 8.81
CA MET A 313 0.13 25.11 9.84
C MET A 313 1.55 25.08 10.39
N GLN A 314 2.55 25.47 9.59
CA GLN A 314 3.86 25.74 10.16
C GLN A 314 3.74 26.76 11.28
N LYS A 315 3.06 27.88 10.99
CA LYS A 315 2.90 28.94 11.99
C LYS A 315 2.19 28.42 13.24
N GLU A 316 1.03 27.77 13.06
CA GLU A 316 0.24 27.35 14.21
C GLU A 316 0.98 26.29 15.02
N ILE A 317 1.55 25.29 14.33
CA ILE A 317 2.28 24.23 15.03
C ILE A 317 3.42 24.84 15.86
N THR A 318 4.13 25.79 15.23
CA THR A 318 5.26 26.59 15.80
C THR A 318 4.86 27.16 17.14
N ALA A 319 3.66 27.71 17.17
CA ALA A 319 3.12 28.40 18.33
C ALA A 319 2.62 27.44 19.39
N LEU A 320 2.39 26.20 19.03
CA LEU A 320 1.89 25.16 19.94
C LEU A 320 3.05 24.35 20.50
N ALA A 321 4.12 24.19 19.72
CA ALA A 321 5.23 23.33 20.08
C ALA A 321 6.28 24.08 20.89
N PRO A 322 7.17 23.36 21.58
CA PRO A 322 8.25 24.02 22.34
C PRO A 322 8.99 25.07 21.54
N SER A 323 9.73 25.95 22.22
CA SER A 323 10.38 27.07 21.55
C SER A 323 11.64 26.67 20.79
N THR A 324 12.17 25.47 21.01
CA THR A 324 13.38 25.03 20.33
C THR A 324 13.12 23.96 19.28
N MET A 325 11.90 23.45 19.18
CA MET A 325 11.58 22.37 18.25
C MET A 325 11.73 22.85 16.81
N LYS A 326 12.40 22.04 15.98
CA LYS A 326 12.42 22.26 14.55
C LYS A 326 11.15 21.68 13.95
N ILE A 327 10.40 22.49 13.21
CA ILE A 327 9.12 22.11 12.63
C ILE A 327 9.20 22.32 11.13
N LYS A 328 8.80 21.30 10.38
CA LYS A 328 8.81 21.34 8.92
C LYS A 328 7.52 20.75 8.40
N ILE A 329 6.86 21.47 7.49
CA ILE A 329 5.59 21.06 6.91
C ILE A 329 5.84 20.73 5.45
N ILE A 330 5.65 19.47 5.09
CA ILE A 330 5.91 19.00 3.72
C ILE A 330 4.59 18.79 3.01
N ALA A 331 4.42 19.51 1.90
CA ALA A 331 3.19 19.45 1.08
C ALA A 331 3.60 19.12 -0.34
N PRO A 332 3.82 17.84 -0.64
CA PRO A 332 4.19 17.47 -2.01
C PRO A 332 3.18 18.00 -3.00
N PRO A 333 3.62 18.45 -4.18
CA PRO A 333 2.65 18.97 -5.18
C PRO A 333 1.70 17.92 -5.70
N GLU A 334 1.93 16.65 -5.37
CA GLU A 334 1.23 15.52 -5.96
C GLU A 334 0.26 14.86 -4.99
N ARG A 335 -0.18 15.58 -3.96
CA ARG A 335 -0.80 14.93 -2.81
C ARG A 335 -2.29 14.70 -2.95
N LYS A 336 -2.91 15.12 -4.05
CA LYS A 336 -4.24 14.60 -4.37
C LYS A 336 -4.21 13.08 -4.41
N TYR A 337 -3.10 12.52 -4.91
CA TYR A 337 -3.00 11.10 -5.24
C TYR A 337 -1.86 10.41 -4.52
N SER A 338 -1.29 11.03 -3.49
CA SER A 338 -0.11 10.45 -2.85
C SER A 338 -0.44 9.12 -2.15
N VAL A 339 -1.67 8.95 -1.68
CA VAL A 339 -2.05 7.67 -1.09
C VAL A 339 -1.90 6.55 -2.11
N TRP A 340 -2.38 6.80 -3.34
CA TRP A 340 -2.25 5.78 -4.38
C TRP A 340 -0.79 5.56 -4.76
N ILE A 341 -0.04 6.65 -4.94
CA ILE A 341 1.37 6.54 -5.28
C ILE A 341 2.11 5.71 -4.24
N GLY A 342 1.82 5.95 -2.96
CA GLY A 342 2.43 5.15 -1.91
C GLY A 342 2.08 3.68 -2.03
N GLY A 343 0.83 3.37 -2.38
CA GLY A 343 0.47 1.99 -2.62
C GLY A 343 1.25 1.38 -3.77
N SER A 344 1.39 2.13 -4.86
CA SER A 344 2.24 1.68 -5.97
C SER A 344 3.64 1.36 -5.49
N ILE A 345 4.22 2.25 -4.68
CA ILE A 345 5.55 2.02 -4.13
C ILE A 345 5.58 0.74 -3.31
N LEU A 346 4.71 0.67 -2.30
CA LEU A 346 4.76 -0.45 -1.37
C LEU A 346 4.61 -1.78 -2.08
N ALA A 347 3.67 -1.86 -3.04
CA ALA A 347 3.43 -3.10 -3.75
C ALA A 347 4.53 -3.43 -4.75
N SER A 348 5.43 -2.49 -5.05
CA SER A 348 6.57 -2.75 -5.92
C SER A 348 7.85 -3.04 -5.16
N LEU A 349 7.84 -2.90 -3.84
CA LEU A 349 9.06 -3.10 -3.07
C LEU A 349 9.44 -4.57 -3.02
N SER A 350 10.75 -4.81 -2.90
CA SER A 350 11.26 -6.17 -2.82
C SER A 350 10.80 -6.86 -1.54
N THR A 351 10.55 -6.08 -0.49
CA THR A 351 10.15 -6.63 0.80
C THR A 351 8.67 -7.03 0.84
N PHE A 352 7.90 -6.74 -0.20
CA PHE A 352 6.46 -6.90 -0.15
C PHE A 352 5.99 -8.29 -0.55
N GLN A 353 6.80 -9.06 -1.28
CA GLN A 353 6.37 -10.36 -1.74
C GLN A 353 5.98 -11.26 -0.58
N GLN A 354 6.63 -11.09 0.57
CA GLN A 354 6.33 -11.85 1.78
C GLN A 354 5.07 -11.34 2.49
N MET A 355 4.57 -10.16 2.13
CA MET A 355 3.49 -9.52 2.87
C MET A 355 2.11 -9.88 2.37
N TRP A 356 1.98 -10.34 1.12
CA TRP A 356 0.67 -10.65 0.59
C TRP A 356 -0.02 -11.72 1.42
N ILE A 357 -1.33 -11.58 1.58
CA ILE A 357 -2.18 -12.68 2.03
C ILE A 357 -2.58 -13.47 0.79
N THR A 358 -2.18 -14.72 0.71
CA THR A 358 -2.49 -15.55 -0.44
C THR A 358 -3.84 -16.23 -0.26
N LYS A 359 -4.46 -16.60 -1.39
CA LYS A 359 -5.68 -17.39 -1.36
C LYS A 359 -5.54 -18.57 -0.39
N GLN A 360 -4.33 -19.12 -0.29
CA GLN A 360 -4.13 -20.32 0.52
C GLN A 360 -3.96 -19.99 2.00
N GLU A 361 -3.41 -18.82 2.34
CA GLU A 361 -3.42 -18.39 3.73
C GLU A 361 -4.84 -18.11 4.20
N TYR A 362 -5.70 -17.60 3.30
CA TYR A 362 -7.08 -17.29 3.66
C TYR A 362 -7.89 -18.56 3.85
N ASP A 363 -7.64 -19.59 3.03
CA ASP A 363 -8.35 -20.85 3.19
C ASP A 363 -8.04 -21.48 4.55
N GLU A 364 -6.78 -21.39 4.98
CA GLU A 364 -6.38 -22.07 6.21
C GLU A 364 -6.77 -21.28 7.45
N ALA A 365 -6.58 -19.96 7.44
CA ALA A 365 -6.78 -19.15 8.63
C ALA A 365 -8.11 -18.41 8.66
N GLY A 366 -8.73 -18.17 7.50
CA GLY A 366 -9.97 -17.44 7.44
C GLY A 366 -9.77 -15.95 7.41
N PRO A 367 -10.85 -15.18 7.31
CA PRO A 367 -10.72 -13.71 7.23
C PRO A 367 -9.89 -13.11 8.34
N SER A 368 -9.90 -13.72 9.54
CA SER A 368 -9.11 -13.21 10.66
C SER A 368 -7.66 -12.97 10.30
N ILE A 369 -7.14 -13.64 9.28
CA ILE A 369 -5.74 -13.51 8.90
C ILE A 369 -5.36 -12.06 8.66
N VAL A 370 -6.30 -11.23 8.22
CA VAL A 370 -5.96 -9.86 7.88
C VAL A 370 -5.45 -9.12 9.11
N HIS A 371 -5.96 -9.45 10.30
CA HIS A 371 -5.52 -8.78 11.51
C HIS A 371 -4.07 -9.10 11.86
N ARG A 372 -3.53 -10.20 11.35
CA ARG A 372 -2.19 -10.63 11.71
C ARG A 372 -1.13 -10.13 10.75
N LYS A 373 -1.44 -9.99 9.46
CA LYS A 373 -0.43 -9.67 8.47
C LYS A 373 -0.44 -8.20 8.03
N CYS A 374 -1.54 -7.49 8.19
CA CYS A 374 -1.67 -6.12 7.68
C CYS A 374 -1.80 -5.13 8.83
N PHE A 375 -0.71 -4.41 9.09
CA PHE A 375 -0.74 -3.27 10.01
C PHE A 375 0.50 -2.40 9.80
N GLY B 2 18.93 -31.25 -35.92
CA GLY B 2 18.47 -30.76 -37.21
C GLY B 2 17.38 -29.71 -37.08
N HIS B 3 17.75 -28.54 -36.54
CA HIS B 3 16.85 -27.40 -36.38
C HIS B 3 17.64 -26.14 -36.73
N MET B 4 17.98 -25.98 -38.01
CA MET B 4 18.85 -24.88 -38.44
C MET B 4 17.99 -23.75 -39.00
N SER B 5 17.69 -22.79 -38.13
CA SER B 5 17.08 -21.54 -38.56
C SER B 5 17.82 -20.97 -39.75
N LEU B 6 17.05 -20.49 -40.74
CA LEU B 6 17.62 -19.82 -41.90
C LEU B 6 17.14 -18.39 -42.05
N ALA B 7 16.11 -17.98 -41.32
CA ALA B 7 15.58 -16.64 -41.47
C ALA B 7 16.53 -15.61 -40.88
N GLU B 8 16.61 -14.45 -41.53
CA GLU B 8 17.32 -13.30 -40.97
C GLU B 8 16.52 -12.77 -39.78
N LEU B 9 17.14 -12.74 -38.60
CA LEU B 9 16.46 -12.35 -37.38
C LEU B 9 17.25 -11.28 -36.64
N THR B 10 16.54 -10.40 -35.95
CA THR B 10 17.13 -9.45 -35.03
C THR B 10 16.46 -9.58 -33.67
N LEU B 11 17.01 -8.89 -32.67
CA LEU B 11 16.57 -9.00 -31.29
C LEU B 11 16.54 -7.59 -30.71
N GLU B 12 15.35 -7.04 -30.51
CA GLU B 12 15.20 -5.65 -30.12
C GLU B 12 14.21 -5.50 -28.98
N PRO B 13 14.43 -4.51 -28.10
CA PRO B 13 13.47 -4.27 -27.03
C PRO B 13 12.12 -3.82 -27.56
N VAL B 14 11.06 -4.19 -26.84
CA VAL B 14 9.71 -3.79 -27.25
C VAL B 14 9.59 -2.26 -27.22
N HIS B 15 10.16 -1.62 -26.19
CA HIS B 15 9.97 -0.18 -26.04
C HIS B 15 10.73 0.63 -27.07
N ARG B 16 11.49 0.00 -27.96
CA ARG B 16 12.10 0.70 -29.09
C ARG B 16 11.38 0.43 -30.40
N ARG B 17 10.44 -0.49 -30.41
CA ARG B 17 9.64 -0.81 -31.59
C ARG B 17 8.20 -0.91 -31.11
N PRO B 18 7.69 0.12 -30.43
CA PRO B 18 6.34 0.02 -29.83
C PRO B 18 5.24 -0.25 -30.82
N GLU B 19 5.44 0.04 -32.11
CA GLU B 19 4.45 -0.31 -33.11
C GLU B 19 4.23 -1.82 -33.21
N LEU B 20 5.11 -2.62 -32.61
CA LEU B 20 4.97 -4.07 -32.60
C LEU B 20 4.46 -4.60 -31.26
N LEU B 21 4.21 -3.72 -30.29
CA LEU B 21 3.76 -4.16 -28.98
C LEU B 21 2.49 -5.00 -29.08
N ASP B 22 1.56 -4.54 -29.88
CA ASP B 22 0.30 -5.26 -30.16
C ASP B 22 0.62 -6.65 -30.62
N ALA B 23 1.44 -6.81 -31.65
CA ALA B 23 1.85 -8.10 -32.22
C ALA B 23 2.52 -8.96 -31.16
N CYS B 24 3.32 -8.39 -30.28
CA CYS B 24 3.95 -9.14 -29.21
C CYS B 24 2.89 -9.68 -28.24
N ALA B 25 1.95 -8.87 -27.83
CA ALA B 25 0.89 -9.26 -26.89
C ALA B 25 0.11 -10.41 -27.51
N ASP B 26 -0.20 -10.31 -28.78
CA ASP B 26 -0.91 -11.36 -29.52
C ASP B 26 -0.15 -12.68 -29.37
N LEU B 27 1.16 -12.63 -29.52
CA LEU B 27 2.04 -13.79 -29.45
C LEU B 27 1.99 -14.44 -28.08
N ILE B 28 2.23 -13.67 -27.02
CA ILE B 28 2.34 -14.27 -25.70
C ILE B 28 0.98 -14.76 -25.22
N ASN B 29 -0.06 -13.96 -25.42
CA ASN B 29 -1.39 -14.37 -24.97
C ASN B 29 -1.92 -15.59 -25.71
N ASP B 30 -1.31 -15.95 -26.85
CA ASP B 30 -1.69 -17.19 -27.52
C ASP B 30 -1.18 -18.41 -26.75
N GLN B 31 -0.09 -18.25 -26.01
CA GLN B 31 0.45 -19.33 -25.19
C GLN B 31 -0.11 -19.30 -23.78
N TRP B 32 -0.07 -18.13 -23.14
CA TRP B 32 -0.56 -17.94 -21.77
C TRP B 32 -1.72 -16.95 -21.83
N PRO B 33 -2.95 -17.43 -22.03
CA PRO B 33 -4.08 -16.49 -22.10
C PRO B 33 -4.30 -15.79 -20.77
N ARG B 34 -4.31 -14.47 -20.81
CA ARG B 34 -4.75 -13.65 -19.69
C ARG B 34 -5.21 -12.32 -20.26
N SER B 35 -5.79 -11.50 -19.38
CA SER B 35 -6.39 -10.25 -19.82
C SER B 35 -5.46 -9.49 -20.75
N ARG B 36 -5.98 -8.90 -21.82
CA ARG B 36 -5.15 -8.16 -22.78
C ARG B 36 -4.76 -6.85 -22.16
N THR B 37 -5.52 -6.33 -21.21
CA THR B 37 -5.10 -5.11 -20.55
C THR B 37 -3.78 -5.32 -19.79
N SER B 38 -3.64 -6.48 -19.16
CA SER B 38 -2.44 -6.74 -18.37
C SER B 38 -1.23 -6.99 -19.27
N ARG B 39 -1.41 -7.80 -20.31
CA ARG B 39 -0.29 -8.12 -21.20
C ARG B 39 0.24 -6.85 -21.86
N LEU B 40 -0.66 -5.97 -22.31
CA LEU B 40 -0.22 -4.72 -22.91
C LEU B 40 0.51 -3.85 -21.88
N HIS B 41 0.06 -3.88 -20.62
CA HIS B 41 0.73 -3.09 -19.60
C HIS B 41 2.11 -3.66 -19.29
N SER B 42 2.21 -4.98 -19.12
CA SER B 42 3.50 -5.59 -18.82
C SER B 42 4.52 -5.29 -19.91
N LEU B 43 4.11 -5.37 -21.17
CA LEU B 43 5.01 -4.97 -22.25
C LEU B 43 5.26 -3.48 -22.24
N GLY B 44 4.33 -2.69 -21.73
CA GLY B 44 4.52 -1.25 -21.63
C GLY B 44 5.48 -0.82 -20.54
N GLN B 45 5.86 -1.73 -19.65
CA GLN B 45 6.85 -1.43 -18.62
C GLN B 45 8.27 -1.57 -19.15
N SER B 46 8.47 -2.24 -20.28
CA SER B 46 9.80 -2.47 -20.82
C SER B 46 10.60 -1.17 -20.87
N SER B 47 11.87 -1.26 -20.47
CA SER B 47 12.72 -0.07 -20.39
C SER B 47 14.17 -0.50 -20.28
N ASP B 48 15.07 0.44 -20.59
CA ASP B 48 16.50 0.18 -20.47
C ASP B 48 16.95 -0.05 -19.04
N ALA B 49 16.07 0.18 -18.06
CA ALA B 49 16.41 0.01 -16.66
C ALA B 49 16.12 -1.39 -16.14
N PHE B 50 15.62 -2.29 -17.00
CA PHE B 50 15.16 -3.61 -16.59
C PHE B 50 14.00 -3.43 -15.61
N PRO B 51 12.89 -4.17 -15.78
CA PRO B 51 12.63 -5.21 -16.77
C PRO B 51 12.50 -4.68 -18.19
N LEU B 52 12.96 -5.46 -19.16
CA LEU B 52 12.77 -5.13 -20.56
C LEU B 52 12.39 -6.40 -21.31
N CYS B 53 11.52 -6.22 -22.31
CA CYS B 53 11.04 -7.32 -23.14
C CYS B 53 11.75 -7.26 -24.48
N LEU B 54 12.34 -8.38 -24.88
CA LEU B 54 13.04 -8.49 -26.15
C LEU B 54 12.22 -9.30 -27.13
N MET B 55 12.12 -8.82 -28.36
CA MET B 55 11.42 -9.52 -29.43
C MET B 55 12.43 -10.01 -30.46
N LEU B 56 12.35 -11.30 -30.79
CA LEU B 56 13.03 -11.83 -31.97
C LEU B 56 12.17 -11.49 -33.18
N LEU B 57 12.69 -10.65 -34.07
CA LEU B 57 11.95 -10.10 -35.18
C LEU B 57 12.54 -10.58 -36.50
N SER B 58 11.71 -10.57 -37.55
CA SER B 58 12.13 -10.95 -38.89
C SER B 58 11.77 -9.89 -39.90
N PRO B 59 12.74 -9.42 -40.74
CA PRO B 59 12.43 -8.55 -41.89
C PRO B 59 11.10 -8.86 -42.56
N HIS B 60 11.05 -9.81 -43.48
CA HIS B 60 9.81 -10.17 -44.13
C HIS B 60 9.67 -11.69 -44.13
N ALA B 65 3.60 -7.69 -44.68
CA ALA B 65 3.91 -6.28 -44.93
C ALA B 65 4.92 -5.76 -43.92
N ALA B 66 4.60 -5.96 -42.63
CA ALA B 66 5.42 -5.45 -41.53
C ALA B 66 6.43 -6.52 -41.10
N PRO B 67 7.16 -6.29 -40.02
CA PRO B 67 7.99 -7.36 -39.46
C PRO B 67 7.15 -8.34 -38.64
N VAL B 68 7.58 -9.59 -38.65
CA VAL B 68 6.94 -10.62 -37.85
C VAL B 68 7.59 -10.66 -36.48
N VAL B 69 6.77 -10.75 -35.44
CA VAL B 69 7.25 -10.97 -34.09
C VAL B 69 7.41 -12.48 -33.93
N VAL B 70 8.64 -12.96 -34.09
CA VAL B 70 8.90 -14.39 -34.06
C VAL B 70 8.85 -14.92 -32.64
N GLY B 71 9.51 -14.23 -31.71
CA GLY B 71 9.58 -14.71 -30.34
C GLY B 71 9.83 -13.56 -29.39
N HIS B 72 9.67 -13.87 -28.10
CA HIS B 72 9.76 -12.88 -27.05
C HIS B 72 10.32 -13.52 -25.79
N ALA B 73 11.09 -12.73 -25.05
CA ALA B 73 11.57 -13.13 -23.73
C ALA B 73 11.70 -11.88 -22.89
N ARG B 74 11.35 -12.00 -21.61
CA ARG B 74 11.41 -10.89 -20.67
C ARG B 74 12.64 -11.06 -19.78
N LEU B 75 13.38 -9.97 -19.58
CA LEU B 75 14.57 -9.97 -18.75
C LEU B 75 14.36 -9.00 -17.59
N SER B 76 14.61 -9.49 -16.38
CA SER B 76 14.52 -8.66 -15.18
C SER B 76 15.81 -8.81 -14.37
N ARG B 77 16.08 -7.81 -13.55
CA ARG B 77 17.22 -7.90 -12.65
C ARG B 77 16.84 -8.75 -11.44
N VAL B 78 17.87 -9.11 -10.67
CA VAL B 78 17.74 -10.13 -9.63
C VAL B 78 18.16 -9.51 -8.30
N LEU B 79 17.31 -9.67 -7.29
CA LEU B 79 17.60 -9.10 -5.98
C LEU B 79 18.88 -9.70 -5.40
N ASN B 80 19.77 -8.82 -4.95
CA ASN B 80 21.03 -9.15 -4.30
C ASN B 80 22.02 -9.85 -5.22
N GLN B 81 21.77 -9.90 -6.52
CA GLN B 81 22.64 -10.57 -7.49
C GLN B 81 22.84 -9.66 -8.69
N PRO B 82 23.73 -8.69 -8.58
CA PRO B 82 23.90 -7.71 -9.68
C PRO B 82 24.16 -8.35 -11.04
N GLN B 83 24.82 -9.50 -11.06
CA GLN B 83 25.25 -10.12 -12.31
C GLN B 83 24.27 -11.17 -12.81
N SER B 84 23.11 -11.30 -12.18
CA SER B 84 22.10 -12.27 -12.57
C SER B 84 20.95 -11.56 -13.27
N LEU B 85 20.38 -12.23 -14.27
CA LEU B 85 19.13 -11.81 -14.90
C LEU B 85 18.14 -12.95 -14.82
N LEU B 86 16.89 -12.61 -14.49
CA LEU B 86 15.80 -13.57 -14.54
C LEU B 86 15.21 -13.56 -15.95
N VAL B 87 15.05 -14.74 -16.53
CA VAL B 87 14.41 -14.90 -17.83
C VAL B 87 13.02 -15.47 -17.62
N GLU B 88 12.03 -14.87 -18.27
CA GLU B 88 10.65 -15.31 -18.14
C GLU B 88 9.95 -15.16 -19.48
N THR B 89 8.80 -15.82 -19.59
CA THR B 89 7.88 -15.61 -20.71
C THR B 89 8.58 -15.84 -22.06
N VAL B 90 9.47 -16.84 -22.09
CA VAL B 90 10.14 -17.19 -23.33
C VAL B 90 9.15 -17.96 -24.21
N VAL B 91 8.85 -17.42 -25.38
CA VAL B 91 7.90 -18.06 -26.28
C VAL B 91 8.26 -17.70 -27.71
N VAL B 92 8.14 -18.69 -28.60
CA VAL B 92 8.22 -18.48 -30.03
C VAL B 92 6.82 -18.66 -30.61
N ALA B 93 6.49 -17.88 -31.63
CA ALA B 93 5.19 -17.99 -32.27
C ALA B 93 4.84 -19.45 -32.53
N ARG B 94 3.57 -19.79 -32.33
CA ARG B 94 3.17 -21.19 -32.40
C ARG B 94 3.47 -21.78 -33.77
N ALA B 95 3.19 -21.04 -34.84
CA ALA B 95 3.39 -21.54 -36.19
C ALA B 95 4.85 -21.55 -36.62
N LEU B 96 5.76 -21.06 -35.79
CA LEU B 96 7.17 -21.00 -36.13
C LEU B 96 8.04 -21.87 -35.23
N ARG B 97 7.43 -22.69 -34.37
CA ARG B 97 8.19 -23.58 -33.52
C ARG B 97 8.75 -24.74 -34.33
N GLY B 98 9.92 -25.22 -33.92
CA GLY B 98 10.60 -26.28 -34.63
C GLY B 98 11.47 -25.83 -35.78
N ARG B 99 11.84 -24.56 -35.82
CA ARG B 99 12.69 -24.03 -36.88
C ARG B 99 13.99 -23.43 -36.36
N GLY B 100 14.31 -23.65 -35.08
CA GLY B 100 15.51 -23.13 -34.49
C GLY B 100 15.41 -21.74 -33.92
N PHE B 101 14.25 -21.10 -34.00
CA PHE B 101 14.09 -19.74 -33.51
C PHE B 101 14.11 -19.68 -31.98
N GLY B 102 13.76 -20.77 -31.29
CA GLY B 102 13.88 -20.78 -29.85
C GLY B 102 15.33 -20.84 -29.39
N ARG B 103 16.16 -21.64 -30.07
CA ARG B 103 17.57 -21.67 -29.75
C ARG B 103 18.22 -20.32 -29.97
N ARG B 104 17.91 -19.68 -31.11
CA ARG B 104 18.49 -18.37 -31.38
C ARG B 104 18.00 -17.34 -30.36
N LEU B 105 16.73 -17.40 -29.97
CA LEU B 105 16.21 -16.48 -28.98
C LEU B 105 17.02 -16.55 -27.68
N MET B 106 17.20 -17.77 -27.16
CA MET B 106 17.95 -17.91 -25.91
C MET B 106 19.42 -17.55 -26.09
N GLU B 107 20.02 -17.96 -27.21
CA GLU B 107 21.42 -17.61 -27.45
C GLU B 107 21.60 -16.10 -27.61
N GLY B 108 20.67 -15.45 -28.29
CA GLY B 108 20.70 -14.00 -28.37
C GLY B 108 20.53 -13.34 -27.02
N LEU B 109 19.71 -13.93 -26.14
CA LEU B 109 19.61 -13.44 -24.78
C LEU B 109 20.97 -13.46 -24.10
N GLU B 110 21.70 -14.58 -24.22
CA GLU B 110 23.00 -14.69 -23.57
C GLU B 110 23.96 -13.63 -24.08
N VAL B 111 24.00 -13.41 -25.39
CA VAL B 111 24.87 -12.38 -25.95
C VAL B 111 24.48 -11.01 -25.41
N PHE B 112 23.20 -10.68 -25.51
CA PHE B 112 22.70 -9.40 -25.01
C PHE B 112 23.08 -9.19 -23.54
N ALA B 113 22.83 -10.19 -22.71
CA ALA B 113 23.13 -10.07 -21.28
C ALA B 113 24.64 -9.92 -21.04
N ARG B 114 25.45 -10.76 -21.69
CA ARG B 114 26.89 -10.74 -21.44
C ARG B 114 27.49 -9.40 -21.85
N ALA B 115 27.11 -8.88 -23.02
CA ALA B 115 27.61 -7.58 -23.44
C ALA B 115 27.44 -6.53 -22.34
N ARG B 116 26.38 -6.65 -21.56
CA ARG B 116 26.06 -5.68 -20.52
C ARG B 116 26.62 -6.08 -19.16
N GLY B 117 27.49 -7.08 -19.11
CA GLY B 117 28.20 -7.42 -17.90
C GLY B 117 27.56 -8.49 -17.04
N PHE B 118 26.41 -9.02 -17.44
CA PHE B 118 25.78 -10.09 -16.69
C PHE B 118 26.47 -11.41 -16.98
N ARG B 119 26.46 -12.30 -15.99
CA ARG B 119 27.18 -13.56 -16.10
C ARG B 119 26.37 -14.76 -15.65
N LYS B 120 25.11 -14.58 -15.24
CA LYS B 120 24.26 -15.70 -14.88
C LYS B 120 22.82 -15.40 -15.28
N LEU B 121 22.21 -16.36 -15.97
CA LEU B 121 20.79 -16.32 -16.30
C LEU B 121 20.07 -17.34 -15.45
N HIS B 122 18.85 -17.00 -15.04
CA HIS B 122 18.01 -17.87 -14.23
C HIS B 122 16.61 -17.92 -14.83
N LEU B 123 15.95 -19.06 -14.67
CA LEU B 123 14.59 -19.20 -15.16
C LEU B 123 13.94 -20.38 -14.46
N THR B 124 12.62 -20.50 -14.64
CA THR B 124 11.85 -21.61 -14.11
C THR B 124 11.16 -22.34 -15.25
N THR B 125 10.99 -23.64 -15.08
CA THR B 125 10.27 -24.45 -16.05
C THR B 125 9.84 -25.74 -15.37
N HIS B 126 8.92 -26.46 -16.03
CA HIS B 126 8.66 -27.84 -15.64
C HIS B 126 8.74 -28.77 -16.84
N ASP B 127 7.88 -28.58 -17.85
CA ASP B 127 7.82 -29.51 -18.98
C ASP B 127 8.92 -29.26 -20.01
N GLN B 128 9.51 -28.07 -20.02
CA GLN B 128 10.56 -27.72 -20.96
C GLN B 128 11.97 -27.79 -20.34
N VAL B 129 12.12 -28.57 -19.27
CA VAL B 129 13.43 -28.66 -18.61
C VAL B 129 14.49 -29.13 -19.61
N HIS B 130 14.16 -30.12 -20.43
CA HIS B 130 15.15 -30.68 -21.34
C HIS B 130 15.50 -29.70 -22.46
N PHE B 131 14.58 -28.82 -22.82
CA PHE B 131 14.91 -27.77 -23.77
C PHE B 131 16.03 -26.89 -23.25
N TYR B 132 16.02 -26.61 -21.94
CA TYR B 132 17.03 -25.71 -21.38
C TYR B 132 18.33 -26.44 -21.09
N THR B 133 18.26 -27.69 -20.63
CA THR B 133 19.48 -28.46 -20.43
C THR B 133 20.22 -28.69 -21.75
N HIS B 134 19.47 -28.82 -22.85
CA HIS B 134 20.09 -28.98 -24.16
C HIS B 134 20.91 -27.77 -24.53
N LEU B 135 20.52 -26.58 -24.07
CA LEU B 135 21.21 -25.34 -24.34
C LEU B 135 22.18 -24.95 -23.22
N GLY B 136 22.45 -25.84 -22.28
CA GLY B 136 23.49 -25.64 -21.31
C GLY B 136 23.04 -25.28 -19.90
N TYR B 137 21.74 -25.14 -19.66
CA TYR B 137 21.27 -24.75 -18.34
C TYR B 137 21.37 -25.91 -17.36
N GLN B 138 21.55 -25.57 -16.09
CA GLN B 138 21.67 -26.51 -14.99
C GLN B 138 20.60 -26.21 -13.96
N LEU B 139 20.31 -27.19 -13.10
CA LEU B 139 19.42 -26.92 -11.98
C LEU B 139 20.11 -26.00 -10.97
N GLY B 140 19.45 -24.91 -10.62
CA GLY B 140 19.97 -24.00 -9.62
C GLY B 140 18.97 -23.76 -8.51
N GLU B 141 19.13 -22.67 -7.78
CA GLU B 141 18.28 -22.31 -6.66
C GLU B 141 17.43 -21.10 -6.98
N PRO B 142 16.41 -20.83 -6.18
CA PRO B 142 15.47 -19.74 -6.50
C PRO B 142 16.12 -18.37 -6.35
N VAL B 143 15.69 -17.46 -7.22
CA VAL B 143 16.02 -16.04 -7.12
C VAL B 143 14.71 -15.27 -7.13
N GLN B 144 14.77 -14.03 -6.66
CA GLN B 144 13.64 -13.11 -6.69
C GLN B 144 13.93 -12.02 -7.71
N GLY B 145 13.08 -11.92 -8.73
CA GLY B 145 13.23 -10.87 -9.72
C GLY B 145 12.73 -9.54 -9.20
N LEU B 146 13.31 -8.47 -9.73
CA LEU B 146 12.94 -7.11 -9.34
C LEU B 146 11.95 -6.56 -10.35
N VAL B 147 10.77 -6.16 -9.88
CA VAL B 147 9.69 -5.73 -10.75
C VAL B 147 9.91 -4.28 -11.16
N PHE B 148 9.08 -3.80 -12.08
CA PHE B 148 9.22 -2.45 -12.60
C PHE B 148 8.76 -1.42 -11.60
N THR B 149 9.58 -0.39 -11.37
CA THR B 149 9.18 0.81 -10.65
C THR B 149 9.48 2.00 -11.54
N SER B 150 8.55 2.94 -11.60
CA SER B 150 8.69 4.07 -12.51
C SER B 150 9.88 4.95 -12.13
N ARG B 151 10.44 5.59 -13.15
CA ARG B 151 11.52 6.55 -12.96
C ARG B 151 11.15 7.64 -11.96
N ARG B 152 9.86 7.95 -11.84
CA ARG B 152 9.39 9.10 -11.06
C ARG B 152 9.13 8.78 -9.59
N LEU B 153 9.32 7.56 -9.17
CA LEU B 153 8.99 7.24 -7.79
C LEU B 153 10.19 7.50 -6.88
N PRO B 154 9.90 7.84 -5.62
CA PRO B 154 10.96 8.22 -4.66
C PRO B 154 12.31 7.58 -4.88
N ALA B 155 12.35 6.26 -5.04
CA ALA B 155 13.60 5.54 -5.26
C ALA B 155 14.59 5.77 -4.11
N THR B 156 14.06 6.04 -2.92
CA THR B 156 14.85 6.11 -1.69
C THR B 156 14.50 4.98 -0.73
N LEU B 157 13.62 4.05 -1.15
CA LEU B 157 13.19 2.94 -0.33
C LEU B 157 13.24 1.66 -1.17
N LEU B 190 10.06 -25.50 35.88
CA LEU B 190 10.19 -25.46 34.42
C LEU B 190 9.51 -26.68 33.82
N PRO B 191 8.20 -26.58 33.53
CA PRO B 191 7.45 -27.76 33.09
C PRO B 191 7.90 -28.22 31.73
N PRO B 192 7.58 -29.46 31.36
CA PRO B 192 8.09 -30.02 30.09
C PRO B 192 7.31 -29.51 28.91
N PRO B 193 7.96 -29.31 27.76
CA PRO B 193 7.26 -28.79 26.59
C PRO B 193 6.33 -29.82 25.98
N PRO B 194 5.15 -29.41 25.53
CA PRO B 194 4.28 -30.32 24.78
C PRO B 194 4.90 -30.70 23.45
N PRO B 195 4.23 -31.51 22.64
CA PRO B 195 4.84 -31.98 21.40
C PRO B 195 4.81 -30.94 20.29
N LEU B 196 5.86 -30.99 19.46
CA LEU B 196 5.94 -30.19 18.24
C LEU B 196 4.64 -30.28 17.45
N PRO B 197 4.37 -29.33 16.55
CA PRO B 197 3.40 -29.61 15.49
C PRO B 197 3.85 -30.82 14.69
N GLU B 198 3.33 -31.99 15.06
CA GLU B 198 3.93 -33.29 14.75
C GLU B 198 5.36 -33.19 14.24
N GLU B 217 10.51 -23.70 1.90
CA GLU B 217 10.93 -23.24 0.58
C GLU B 217 9.80 -23.30 -0.43
N THR B 218 8.85 -22.37 -0.30
CA THR B 218 7.79 -22.20 -1.29
C THR B 218 8.33 -21.63 -2.59
N GLN B 219 9.64 -21.42 -2.71
CA GLN B 219 10.23 -20.82 -3.88
C GLN B 219 10.38 -21.81 -5.03
N TYR B 220 10.31 -23.11 -4.75
CA TYR B 220 10.27 -24.13 -5.79
C TYR B 220 8.85 -24.45 -6.23
N GLN B 221 7.86 -23.67 -5.78
CA GLN B 221 6.47 -23.80 -6.21
C GLN B 221 6.08 -22.55 -6.97
N ASN B 222 5.07 -22.69 -7.83
CA ASN B 222 4.67 -21.58 -8.69
C ASN B 222 3.24 -21.16 -8.42
N VAL B 223 2.62 -20.51 -9.42
CA VAL B 223 1.36 -19.81 -9.20
C VAL B 223 0.21 -20.74 -8.86
N ARG B 224 0.32 -22.04 -9.15
CA ARG B 224 -0.78 -22.97 -8.91
C ARG B 224 -0.42 -24.07 -7.93
N GLY B 225 0.73 -23.98 -7.26
CA GLY B 225 1.13 -24.97 -6.30
C GLY B 225 1.90 -26.15 -6.87
N ARG B 226 2.30 -26.08 -8.14
CA ARG B 226 3.12 -27.11 -8.76
C ARG B 226 4.59 -26.94 -8.36
N PRO B 227 5.37 -28.02 -8.38
CA PRO B 227 6.83 -27.85 -8.24
C PRO B 227 7.43 -27.50 -9.59
N ILE B 228 8.46 -26.64 -9.56
CA ILE B 228 9.08 -26.14 -10.77
C ILE B 228 10.59 -26.23 -10.60
N PHE B 229 11.27 -26.50 -11.71
CA PHE B 229 12.73 -26.53 -11.72
C PHE B 229 13.26 -25.10 -11.85
N TRP B 230 14.14 -24.71 -10.93
CA TRP B 230 14.93 -23.50 -11.08
C TRP B 230 16.21 -23.88 -11.82
N MET B 231 16.45 -23.24 -12.96
CA MET B 231 17.63 -23.53 -13.76
C MET B 231 18.42 -22.24 -13.97
N GLU B 232 19.72 -22.41 -14.19
CA GLU B 232 20.63 -21.28 -14.28
C GLU B 232 21.71 -21.60 -15.30
N LYS B 233 22.47 -20.58 -15.69
CA LYS B 233 23.53 -20.75 -16.67
C LYS B 233 24.55 -19.64 -16.52
N ASP B 234 25.82 -20.01 -16.53
CA ASP B 234 26.90 -19.03 -16.60
C ASP B 234 27.11 -18.61 -18.05
N ILE B 235 27.28 -17.32 -18.26
CA ILE B 235 27.52 -16.79 -19.60
C ILE B 235 28.71 -15.85 -19.59
N GLY C 3 13.92 -30.35 23.89
CA GLY C 3 13.09 -29.74 24.90
C GLY C 3 12.51 -28.40 24.48
N TRP C 4 12.49 -27.44 25.40
CA TRP C 4 11.99 -26.11 25.05
C TRP C 4 12.85 -25.47 23.97
N ASN C 5 14.16 -25.73 23.99
CA ASN C 5 15.04 -25.23 22.94
C ASN C 5 14.62 -25.73 21.57
N ALA C 6 13.96 -26.89 21.50
CA ALA C 6 13.46 -27.40 20.24
C ALA C 6 12.35 -26.55 19.66
N TYR C 7 11.93 -25.53 20.38
CA TYR C 7 11.00 -24.53 19.84
C TYR C 7 11.74 -23.33 19.28
N ILE C 8 12.75 -22.84 19.99
CA ILE C 8 13.58 -21.77 19.45
C ILE C 8 14.00 -22.10 18.03
N ASP C 9 14.53 -23.32 17.84
CA ASP C 9 14.90 -23.73 16.49
C ASP C 9 13.68 -23.84 15.58
N ASN C 10 12.59 -24.43 16.08
CA ASN C 10 11.38 -24.52 15.27
C ASN C 10 10.85 -23.14 14.89
N LEU C 11 11.25 -22.09 15.61
CA LEU C 11 10.92 -20.72 15.22
C LEU C 11 12.04 -20.08 14.41
N MET C 12 13.28 -20.54 14.57
CA MET C 12 14.43 -20.00 13.84
C MET C 12 14.61 -20.67 12.47
N ALA C 13 13.90 -21.76 12.20
CA ALA C 13 14.24 -22.61 11.07
C ALA C 13 14.09 -21.87 9.73
N ASP C 14 13.06 -21.04 9.60
CA ASP C 14 12.82 -20.42 8.30
C ASP C 14 13.73 -19.22 8.02
N GLY C 15 14.68 -18.91 8.90
CA GLY C 15 15.62 -17.85 8.66
C GLY C 15 15.03 -16.45 8.63
N THR C 16 13.74 -16.29 8.92
CA THR C 16 13.12 -14.98 8.88
C THR C 16 13.35 -14.17 10.14
N CYS C 17 13.69 -14.81 11.26
CA CYS C 17 13.82 -14.14 12.54
C CYS C 17 15.26 -14.26 13.05
N GLN C 18 15.72 -13.21 13.73
CA GLN C 18 17.04 -13.19 14.33
C GLN C 18 17.02 -13.46 15.82
N ASP C 19 15.85 -13.40 16.46
CA ASP C 19 15.73 -13.70 17.88
C ASP C 19 14.40 -14.36 18.15
N ALA C 20 14.34 -15.16 19.21
CA ALA C 20 13.14 -15.86 19.61
C ALA C 20 13.31 -16.29 21.06
N ALA C 21 12.19 -16.50 21.74
CA ALA C 21 12.27 -16.89 23.14
C ALA C 21 10.91 -17.32 23.65
N ILE C 22 10.94 -18.23 24.62
CA ILE C 22 9.77 -18.63 25.40
C ILE C 22 10.05 -18.24 26.85
N VAL C 23 9.13 -17.49 27.44
CA VAL C 23 9.31 -16.95 28.78
C VAL C 23 8.10 -17.30 29.63
N GLY C 24 8.34 -17.72 30.87
CA GLY C 24 7.27 -17.92 31.82
C GLY C 24 6.99 -16.63 32.55
N TYR C 25 5.70 -16.30 32.70
CA TYR C 25 5.29 -15.04 33.31
C TYR C 25 4.47 -15.23 34.57
N LYS C 26 4.24 -16.45 35.02
CA LYS C 26 3.42 -16.73 36.19
C LYS C 26 4.29 -16.88 37.44
N ASP C 27 3.81 -16.32 38.54
CA ASP C 27 4.39 -16.50 39.87
C ASP C 27 5.78 -15.88 40.00
N SER C 28 6.68 -16.18 39.08
CA SER C 28 8.03 -15.62 39.09
C SER C 28 8.68 -15.84 37.72
N PRO C 29 8.84 -14.79 36.90
CA PRO C 29 9.17 -15.02 35.49
C PRO C 29 10.61 -15.51 35.30
N SER C 30 10.75 -16.49 34.42
CA SER C 30 12.05 -17.01 34.00
C SER C 30 12.04 -17.21 32.49
N VAL C 31 13.19 -17.01 31.87
CA VAL C 31 13.35 -17.24 30.43
C VAL C 31 13.58 -18.73 30.22
N TRP C 32 12.55 -19.43 29.73
CA TRP C 32 12.64 -20.87 29.59
C TRP C 32 13.58 -21.26 28.45
N ALA C 33 13.50 -20.57 27.32
CA ALA C 33 14.36 -20.85 26.18
C ALA C 33 14.53 -19.58 25.37
N ALA C 34 15.72 -19.41 24.80
CA ALA C 34 16.02 -18.24 24.00
C ALA C 34 17.24 -18.51 23.14
N VAL C 35 17.41 -17.70 22.10
CA VAL C 35 18.58 -17.75 21.24
C VAL C 35 19.75 -17.19 22.03
N PRO C 36 20.85 -17.94 22.19
CA PRO C 36 21.98 -17.41 22.96
C PRO C 36 22.58 -16.17 22.31
N GLY C 37 23.14 -15.30 23.14
CA GLY C 37 23.84 -14.13 22.67
C GLY C 37 22.98 -13.04 22.07
N LYS C 38 21.66 -13.20 22.08
CA LYS C 38 20.77 -12.21 21.51
C LYS C 38 20.13 -11.39 22.65
N THR C 39 18.95 -10.81 22.39
CA THR C 39 18.36 -9.86 23.32
C THR C 39 17.39 -10.52 24.30
N PHE C 40 16.42 -11.30 23.79
CA PHE C 40 15.36 -11.81 24.64
C PHE C 40 15.89 -12.68 25.77
N VAL C 41 17.06 -13.31 25.57
CA VAL C 41 17.61 -14.20 26.59
C VAL C 41 17.74 -13.48 27.93
N ASN C 42 17.88 -12.16 27.91
CA ASN C 42 18.12 -11.37 29.10
C ASN C 42 16.89 -10.60 29.56
N ILE C 43 15.69 -11.04 29.18
CA ILE C 43 14.48 -10.38 29.67
C ILE C 43 14.46 -10.44 31.19
N THR C 44 14.24 -9.28 31.83
CA THR C 44 14.19 -9.20 33.27
C THR C 44 12.75 -9.30 33.77
N PRO C 45 12.54 -9.77 35.00
CA PRO C 45 11.16 -9.87 35.52
C PRO C 45 10.38 -8.57 35.46
N ALA C 46 11.06 -7.42 35.58
CA ALA C 46 10.36 -6.14 35.47
C ALA C 46 9.87 -5.91 34.05
N GLU C 47 10.64 -6.33 33.05
CA GLU C 47 10.18 -6.21 31.67
C GLU C 47 8.96 -7.08 31.41
N VAL C 48 8.95 -8.30 31.95
CA VAL C 48 7.75 -9.13 31.89
C VAL C 48 6.59 -8.42 32.57
N GLY C 49 6.82 -7.92 33.79
CA GLY C 49 5.76 -7.26 34.53
C GLY C 49 5.13 -6.11 33.76
N VAL C 50 5.94 -5.36 33.03
CA VAL C 50 5.41 -4.28 32.20
C VAL C 50 4.60 -4.86 31.04
N LEU C 51 5.08 -5.95 30.44
CA LEU C 51 4.37 -6.56 29.33
C LEU C 51 2.98 -7.03 29.75
N VAL C 52 2.90 -7.72 30.89
CA VAL C 52 1.65 -8.32 31.35
C VAL C 52 0.93 -7.47 32.39
N GLY C 53 1.46 -6.30 32.72
CA GLY C 53 0.87 -5.47 33.75
C GLY C 53 -0.43 -4.81 33.31
N LYS C 54 -0.95 -3.96 34.21
CA LYS C 54 -2.22 -3.30 33.97
C LYS C 54 -2.07 -1.91 33.36
N ASP C 55 -0.91 -1.27 33.53
CA ASP C 55 -0.65 0.05 32.97
C ASP C 55 -0.39 -0.12 31.47
N ARG C 56 -1.48 -0.25 30.73
CA ARG C 56 -1.42 -0.39 29.27
C ARG C 56 -1.33 0.96 28.56
N SER C 57 -0.93 2.02 29.27
CA SER C 57 -0.91 3.36 28.71
C SER C 57 0.47 4.01 28.73
N SER C 58 1.26 3.76 29.77
CA SER C 58 2.51 4.50 29.93
C SER C 58 3.50 4.16 28.82
N PHE C 59 3.64 2.89 28.47
CA PHE C 59 4.66 2.50 27.52
C PHE C 59 4.42 3.06 26.12
N TYR C 60 3.27 3.70 25.88
CA TYR C 60 3.05 4.34 24.59
C TYR C 60 3.92 5.58 24.43
N VAL C 61 4.06 6.38 25.50
CA VAL C 61 4.91 7.56 25.45
C VAL C 61 6.26 7.30 26.10
N ASN C 62 6.39 6.26 26.93
CA ASN C 62 7.66 5.91 27.55
C ASN C 62 8.39 4.80 26.81
N GLY C 63 7.73 4.10 25.90
CA GLY C 63 8.31 2.90 25.34
C GLY C 63 8.45 1.83 26.41
N LEU C 64 9.14 0.76 26.04
CA LEU C 64 9.46 -0.30 26.99
C LEU C 64 10.78 -0.94 26.56
N THR C 65 11.23 -1.92 27.35
CA THR C 65 12.48 -2.61 27.08
C THR C 65 12.26 -4.12 27.09
N LEU C 66 13.01 -4.80 26.22
CA LEU C 66 13.03 -6.26 26.19
C LEU C 66 14.50 -6.68 26.25
N GLY C 67 14.90 -7.30 27.35
CA GLY C 67 16.31 -7.58 27.54
C GLY C 67 17.17 -6.35 27.45
N GLY C 68 16.61 -5.19 27.77
CA GLY C 68 17.32 -3.93 27.70
C GLY C 68 17.22 -3.20 26.40
N GLN C 69 16.74 -3.84 25.34
CA GLN C 69 16.55 -3.17 24.06
C GLN C 69 15.33 -2.28 24.12
N LYS C 70 15.51 -0.99 23.84
CA LYS C 70 14.38 -0.07 23.77
C LYS C 70 13.51 -0.39 22.56
N CYS C 71 12.20 -0.47 22.79
CA CYS C 71 11.25 -0.70 21.71
C CYS C 71 10.06 0.25 21.86
N SER C 72 9.44 0.57 20.73
CA SER C 72 8.23 1.37 20.68
C SER C 72 7.03 0.46 20.41
N VAL C 73 5.91 0.75 21.05
CA VAL C 73 4.70 -0.07 20.94
C VAL C 73 3.89 0.40 19.74
N ILE C 74 3.53 -0.54 18.86
CA ILE C 74 2.71 -0.25 17.70
C ILE C 74 1.27 -0.64 17.99
N ARG C 75 1.05 -1.90 18.34
CA ARG C 75 -0.28 -2.39 18.71
C ARG C 75 -0.17 -3.14 20.03
N ASP C 76 -1.22 -3.03 20.84
CA ASP C 76 -1.30 -3.74 22.12
C ASP C 76 -2.66 -4.42 22.22
N SER C 77 -2.66 -5.75 22.09
CA SER C 77 -3.84 -6.57 22.32
C SER C 77 -3.48 -7.75 23.22
N LEU C 78 -2.47 -7.58 24.06
CA LEU C 78 -1.84 -8.72 24.72
C LEU C 78 -2.74 -9.37 25.75
N LEU C 79 -3.69 -8.63 26.31
CA LEU C 79 -4.59 -9.16 27.31
C LEU C 79 -6.02 -9.28 26.83
N GLN C 80 -6.32 -8.92 25.58
CA GLN C 80 -7.67 -8.99 25.04
C GLN C 80 -7.88 -10.35 24.38
N ASP C 81 -8.98 -11.01 24.75
CA ASP C 81 -9.19 -12.40 24.36
C ASP C 81 -9.40 -12.51 22.86
N GLY C 82 -8.91 -13.61 22.28
CA GLY C 82 -8.94 -13.85 20.87
C GLY C 82 -7.70 -13.39 20.13
N GLU C 83 -7.02 -12.38 20.65
CA GLU C 83 -5.81 -11.84 20.02
C GLU C 83 -4.55 -12.16 20.81
N PHE C 84 -4.47 -11.70 22.06
CA PHE C 84 -3.32 -12.00 22.93
C PHE C 84 -2.00 -11.72 22.23
N SER C 85 -1.87 -10.51 21.67
CA SER C 85 -0.70 -10.19 20.87
C SER C 85 -0.28 -8.74 21.09
N MET C 86 1.00 -8.46 20.86
CA MET C 86 1.54 -7.13 20.97
C MET C 86 2.65 -6.98 19.95
N ASP C 87 2.56 -5.93 19.13
CA ASP C 87 3.55 -5.67 18.09
C ASP C 87 4.40 -4.46 18.49
N LEU C 88 5.70 -4.57 18.29
CA LEU C 88 6.61 -3.48 18.63
C LEU C 88 7.63 -3.31 17.51
N ARG C 89 8.38 -2.21 17.60
CA ARG C 89 9.50 -1.93 16.71
C ARG C 89 10.64 -1.39 17.56
N THR C 90 11.83 -1.95 17.39
CA THR C 90 12.97 -1.54 18.21
C THR C 90 13.33 -0.09 17.95
N LYS C 91 14.12 0.47 18.85
CA LYS C 91 14.67 1.82 18.70
C LYS C 91 16.18 1.75 18.68
N SER C 92 16.78 2.49 17.77
CA SER C 92 18.22 2.48 17.56
C SER C 92 18.76 3.89 17.65
N THR C 93 20.10 3.99 17.59
CA THR C 93 20.79 5.26 17.56
C THR C 93 21.68 5.32 16.33
N GLY C 94 21.91 6.52 15.82
CA GLY C 94 22.83 6.71 14.71
C GLY C 94 22.47 5.93 13.46
N GLY C 95 21.19 5.92 13.10
CA GLY C 95 20.76 5.31 11.86
C GLY C 95 20.87 3.80 11.79
N ALA C 96 21.28 3.14 12.87
CA ALA C 96 21.33 1.69 12.87
C ALA C 96 19.94 1.12 12.57
N PRO C 97 19.87 -0.05 11.94
CA PRO C 97 18.55 -0.60 11.59
C PRO C 97 17.72 -0.93 12.81
N THR C 98 16.40 -0.91 12.63
CA THR C 98 15.45 -1.33 13.65
C THR C 98 14.71 -2.55 13.13
N PHE C 99 14.08 -3.30 14.05
CA PHE C 99 13.46 -4.57 13.71
C PHE C 99 12.11 -4.67 14.38
N ASN C 100 11.25 -5.51 13.81
CA ASN C 100 9.90 -5.71 14.31
C ASN C 100 9.88 -6.84 15.33
N VAL C 101 9.08 -6.64 16.38
CA VAL C 101 8.94 -7.60 17.47
C VAL C 101 7.46 -7.90 17.64
N THR C 102 7.14 -9.15 17.95
CA THR C 102 5.79 -9.54 18.32
C THR C 102 5.87 -10.40 19.58
N VAL C 103 4.99 -10.10 20.54
CA VAL C 103 4.89 -10.86 21.78
C VAL C 103 3.46 -11.38 21.86
N THR C 104 3.31 -12.69 21.95
CA THR C 104 2.02 -13.33 22.17
C THR C 104 2.01 -14.00 23.53
N LYS C 105 0.84 -14.03 24.14
CA LYS C 105 0.68 -14.55 25.50
C LYS C 105 -0.26 -15.76 25.49
N THR C 106 0.13 -16.81 26.20
CA THR C 106 -0.62 -18.08 26.25
C THR C 106 -1.06 -18.26 27.71
N ASP C 107 -1.37 -19.47 28.17
CA ASP C 107 -1.78 -19.72 29.54
C ASP C 107 -0.62 -19.49 30.52
N LYS C 108 0.61 -19.83 30.10
CA LYS C 108 1.76 -19.69 30.97
C LYS C 108 2.99 -19.09 30.32
N THR C 109 3.03 -18.73 29.05
CA THR C 109 4.29 -18.33 28.44
C THR C 109 4.07 -17.11 27.59
N LEU C 110 5.13 -16.36 27.41
CA LEU C 110 5.23 -15.27 26.46
C LEU C 110 6.12 -15.72 25.32
N VAL C 111 5.58 -15.75 24.11
CA VAL C 111 6.33 -16.12 22.92
C VAL C 111 6.80 -14.82 22.26
N LEU C 112 8.11 -14.67 22.13
CA LEU C 112 8.71 -13.46 21.59
C LEU C 112 9.49 -13.77 20.33
N LEU C 113 9.32 -12.91 19.32
CA LEU C 113 10.00 -13.04 18.04
C LEU C 113 10.49 -11.68 17.60
N MET C 114 11.74 -11.61 17.14
CA MET C 114 12.28 -10.41 16.52
C MET C 114 12.78 -10.78 15.12
N GLY C 115 12.20 -10.16 14.10
CA GLY C 115 12.62 -10.42 12.75
C GLY C 115 13.93 -9.72 12.42
N LYS C 116 14.57 -10.19 11.34
CA LYS C 116 15.79 -9.54 10.88
C LYS C 116 15.42 -8.31 10.04
N GLU C 117 16.45 -7.58 9.61
CA GLU C 117 16.23 -6.35 8.87
C GLU C 117 15.31 -6.56 7.69
N GLY C 118 14.39 -5.63 7.50
CA GLY C 118 13.49 -5.64 6.36
C GLY C 118 12.28 -6.53 6.49
N VAL C 119 12.28 -7.50 7.40
CA VAL C 119 11.17 -8.44 7.48
C VAL C 119 9.96 -7.75 8.10
N HIS C 120 8.82 -7.88 7.44
CA HIS C 120 7.60 -7.17 7.81
C HIS C 120 7.06 -7.67 9.14
N GLY C 121 6.46 -6.76 9.90
CA GLY C 121 5.94 -7.12 11.22
C GLY C 121 4.71 -8.00 11.18
N GLY C 122 3.97 -7.97 10.08
CA GLY C 122 2.82 -8.85 9.96
C GLY C 122 3.21 -10.30 9.79
N LEU C 123 4.35 -10.56 9.16
CA LEU C 123 4.86 -11.93 9.07
C LEU C 123 5.28 -12.44 10.44
N ILE C 124 6.02 -11.64 11.20
CA ILE C 124 6.40 -12.02 12.56
C ILE C 124 5.15 -12.25 13.41
N ASN C 125 4.16 -11.37 13.28
CA ASN C 125 2.93 -11.52 14.06
C ASN C 125 2.26 -12.86 13.77
N LYS C 126 2.14 -13.21 12.48
CA LYS C 126 1.53 -14.49 12.13
C LYS C 126 2.29 -15.65 12.76
N LYS C 127 3.63 -15.66 12.60
CA LYS C 127 4.43 -16.75 13.11
C LYS C 127 4.27 -16.90 14.63
N CYS C 128 4.36 -15.78 15.35
CA CYS C 128 4.21 -15.82 16.80
C CYS C 128 2.80 -16.25 17.20
N TYR C 129 1.78 -15.76 16.48
CA TYR C 129 0.40 -16.14 16.79
C TYR C 129 0.18 -17.63 16.60
N GLU C 130 0.78 -18.22 15.56
CA GLU C 130 0.60 -19.64 15.31
C GLU C 130 1.30 -20.49 16.36
N MET C 131 2.50 -20.10 16.79
CA MET C 131 3.17 -20.79 17.88
C MET C 131 2.35 -20.69 19.16
N ALA C 132 1.82 -19.51 19.46
CA ALA C 132 1.03 -19.34 20.67
C ALA C 132 -0.26 -20.17 20.61
N SER C 133 -0.89 -20.24 19.43
CA SER C 133 -2.10 -21.04 19.30
C SER C 133 -1.80 -22.51 19.50
N HIS C 134 -0.66 -22.98 19.01
CA HIS C 134 -0.27 -24.37 19.24
C HIS C 134 -0.16 -24.68 20.72
N LEU C 135 0.51 -23.79 21.47
CA LEU C 135 0.73 -24.05 22.89
C LEU C 135 -0.52 -23.82 23.73
N ARG C 136 -1.37 -22.86 23.34
CA ARG C 136 -2.70 -22.78 23.95
C ARG C 136 -3.47 -24.07 23.71
N ARG C 137 -3.42 -24.57 22.46
CA ARG C 137 -4.07 -25.84 22.15
C ARG C 137 -3.59 -26.95 23.08
N SER C 138 -2.35 -26.89 23.53
CA SER C 138 -1.81 -27.84 24.48
C SER C 138 -1.89 -27.34 25.93
N GLN C 139 -2.79 -26.38 26.19
CA GLN C 139 -3.01 -25.84 27.54
C GLN C 139 -1.73 -25.27 28.13
N TYR C 140 -0.91 -24.65 27.28
CA TYR C 140 0.25 -23.88 27.74
C TYR C 140 0.07 -22.42 27.34
#